data_8EDF
#
_entry.id   8EDF
#
_cell.length_a   162.841
_cell.length_b   162.841
_cell.length_c   125.171
_cell.angle_alpha   90.000
_cell.angle_beta   90.000
_cell.angle_gamma   90.000
#
_symmetry.space_group_name_H-M   'P 41 21 2'
#
loop_
_entity.id
_entity.type
_entity.pdbx_description
1 polymer 'SKD Fab Light chain'
2 polymer 'SKD Fab heavy chain'
3 polymer 'Spike protein S1'
4 non-polymer 2-acetamido-2-deoxy-beta-D-glucopyranose
#
loop_
_entity_poly.entity_id
_entity_poly.type
_entity_poly.pdbx_seq_one_letter_code
_entity_poly.pdbx_strand_id
1 'polypeptide(L)'
;QAVLNQPSSVSGSLGQRVSITCSGSSSNVGNGYVSWYQLIPGSAPRTLIYGDTSRASGVPDRFSGSRSGNTATLTISSLQ
AEDEADYFCASAEDSSSNAVFGSGTTLTVLGQPKAAPSVTLFPPSSEELQANKATLVCLISDFYPGAVTVAWKADSSPVK
AGVETTTPSKQSNNKYAASSYLSLTPEQWKSHRSYSCQVTHEGSTVEKTVAPTECS
;
L
2 'polypeptide(L)'
;QVQLRESGPSLVKPSQTLSLTCTASGFSLSDKAVGWVRQAPGKALEWLGSIDTGGNTGYNPGLKSRLSITKDNSKSQVSL
SVSSVTTEDSATYYCTTVHQRTSEKRSCPGGSSRRYPSGASCDVSGGACACYVSNCRGVLCPTLNEIVAYTYEWHVDAWG
QGLLVTVSSASTKGPSVFPLAPSSKSTSGGTAALGCLVKDYFPEPVTVSWNSGALTSGVHTFPAVLQSSGLYSLSSVVTV
PSSSLGTQTYICNVNHKPSNTKVDKKVEPKSC
;
H
3 'polypeptide(L)'
;NLCPFGEVFNATRFASVYAWNRKRISNCVADYSVLYNSASFSTFKCYGVSPTKLNDLCFTNVYADSFVIRGDEVRQIAPG
QTGKIADYNYKLPDDFTGCVIAWNSNNLDSKVGGNYNYLYRLFRKSNLKPFERDISTEIYQAGSTPCNGVEGFNCYFPLQ
SYGFQPTNGVGYQPYRVVVLSFELLHAPATVCGPHHHHHH
;
A
#
loop_
_chem_comp.id
_chem_comp.type
_chem_comp.name
_chem_comp.formula
NAG D-saccharide, beta linking 2-acetamido-2-deoxy-beta-D-glucopyranose 'C8 H15 N O6'
#
# COMPACT_ATOMS: atom_id res chain seq x y z
N VAL A 3 -15.59 -0.29 -8.17
CA VAL A 3 -16.28 -0.22 -6.89
C VAL A 3 -15.96 1.10 -6.19
N LEU A 4 -14.68 1.47 -6.18
CA LEU A 4 -14.25 2.69 -5.52
C LEU A 4 -14.81 3.90 -6.26
N ASN A 5 -15.34 4.86 -5.51
CA ASN A 5 -16.08 5.99 -6.09
C ASN A 5 -15.09 7.00 -6.66
N GLN A 6 -14.69 6.77 -7.92
CA GLN A 6 -13.96 7.78 -8.67
C GLN A 6 -14.93 8.69 -9.39
N PRO A 7 -14.47 9.86 -9.83
CA PRO A 7 -15.30 10.68 -10.73
C PRO A 7 -15.36 10.07 -12.11
N SER A 8 -16.48 10.33 -12.79
CA SER A 8 -16.66 9.79 -14.14
C SER A 8 -15.62 10.35 -15.09
N SER A 9 -15.29 11.64 -14.95
CA SER A 9 -14.39 12.31 -15.89
C SER A 9 -13.74 13.49 -15.19
N VAL A 10 -12.69 14.02 -15.84
CA VAL A 10 -11.96 15.16 -15.31
C VAL A 10 -11.29 15.85 -16.50
N SER A 11 -11.00 17.13 -16.35
CA SER A 11 -10.36 17.89 -17.41
C SER A 11 -9.40 18.91 -16.83
N GLY A 12 -8.29 19.13 -17.53
CA GLY A 12 -7.37 20.20 -17.23
C GLY A 12 -6.87 20.83 -18.51
N SER A 13 -5.77 21.58 -18.44
CA SER A 13 -5.20 22.21 -19.62
C SER A 13 -3.74 21.82 -19.76
N LEU A 14 -3.23 21.87 -21.00
CA LEU A 14 -1.83 21.58 -21.25
C LEU A 14 -0.94 22.46 -20.38
N GLY A 15 0.05 21.85 -19.75
CA GLY A 15 0.96 22.56 -18.87
C GLY A 15 0.43 22.84 -17.48
N GLN A 16 -0.86 22.60 -17.23
CA GLN A 16 -1.48 22.96 -15.96
C GLN A 16 -1.58 21.75 -15.03
N ARG A 17 -2.20 21.95 -13.88
CA ARG A 17 -2.31 20.94 -12.83
C ARG A 17 -3.73 20.41 -12.76
N VAL A 18 -3.84 19.13 -12.42
CA VAL A 18 -5.13 18.47 -12.27
C VAL A 18 -4.92 17.21 -11.45
N SER A 19 -5.97 16.78 -10.75
CA SER A 19 -5.88 15.65 -9.84
C SER A 19 -7.22 14.93 -9.79
N ILE A 20 -7.15 13.63 -9.48
CA ILE A 20 -8.30 12.75 -9.40
C ILE A 20 -8.42 12.25 -7.97
N THR A 21 -9.66 12.07 -7.53
CA THR A 21 -9.95 11.53 -6.21
C THR A 21 -10.48 10.11 -6.31
N CYS A 22 -10.20 9.32 -5.27
CA CYS A 22 -10.58 7.91 -5.20
C CYS A 22 -11.08 7.64 -3.79
N SER A 23 -12.39 7.49 -3.63
CA SER A 23 -13.04 7.37 -2.33
C SER A 23 -13.49 5.94 -2.12
N GLY A 24 -13.05 5.34 -1.02
CA GLY A 24 -13.40 3.96 -0.71
C GLY A 24 -13.94 3.80 0.70
N SER A 25 -13.39 2.83 1.44
CA SER A 25 -13.81 2.57 2.81
C SER A 25 -12.61 2.44 3.73
N SER A 26 -12.83 2.02 4.97
CA SER A 26 -11.74 1.89 5.93
C SER A 26 -10.98 0.58 5.77
N SER A 27 -11.64 -0.45 5.23
CA SER A 27 -11.03 -1.77 5.11
C SER A 27 -10.20 -1.95 3.85
N ASN A 28 -10.30 -1.03 2.89
CA ASN A 28 -9.60 -1.16 1.61
C ASN A 28 -8.66 0.00 1.35
N VAL A 29 -9.17 1.24 1.33
CA VAL A 29 -8.29 2.38 1.14
C VAL A 29 -7.67 2.86 2.45
N GLY A 30 -8.38 2.71 3.57
CA GLY A 30 -7.83 3.11 4.86
C GLY A 30 -6.53 2.41 5.19
N ASN A 31 -6.37 1.17 4.72
CA ASN A 31 -5.09 0.47 4.91
C ASN A 31 -3.94 1.22 4.28
N GLY A 32 -4.22 2.02 3.25
CA GLY A 32 -3.15 2.60 2.47
C GLY A 32 -2.67 1.66 1.38
N TYR A 33 -1.42 1.84 0.98
CA TYR A 33 -0.82 1.03 -0.08
C TYR A 33 -1.70 1.07 -1.33
N VAL A 34 -2.21 2.24 -1.65
CA VAL A 34 -3.03 2.43 -2.82
C VAL A 34 -2.15 2.54 -4.06
N SER A 35 -2.69 2.12 -5.19
CA SER A 35 -1.96 2.07 -6.45
C SER A 35 -2.80 2.66 -7.57
N TRP A 36 -2.13 3.36 -8.48
CA TRP A 36 -2.78 4.00 -9.62
C TRP A 36 -2.18 3.50 -10.91
N TYR A 37 -3.03 3.37 -11.94
CA TYR A 37 -2.63 2.86 -13.24
C TYR A 37 -3.24 3.71 -14.34
N GLN A 38 -2.51 3.80 -15.46
CA GLN A 38 -2.88 4.60 -16.62
C GLN A 38 -3.19 3.66 -17.78
N LEU A 39 -4.39 3.82 -18.35
CA LEU A 39 -4.82 3.07 -19.53
C LEU A 39 -4.86 4.02 -20.72
N ILE A 40 -3.81 3.99 -21.54
CA ILE A 40 -3.83 4.61 -22.86
C ILE A 40 -4.46 3.60 -23.81
N PRO A 41 -5.62 3.90 -24.41
CA PRO A 41 -6.30 2.88 -25.22
C PRO A 41 -5.40 2.36 -26.33
N GLY A 42 -5.65 1.11 -26.72
CA GLY A 42 -4.80 0.43 -27.67
C GLY A 42 -3.47 -0.04 -27.13
N SER A 43 -3.20 0.18 -25.84
CA SER A 43 -1.96 -0.23 -25.21
C SER A 43 -2.28 -0.89 -23.87
N ALA A 44 -1.40 -1.80 -23.46
CA ALA A 44 -1.52 -2.38 -22.13
C ALA A 44 -1.21 -1.32 -21.08
N PRO A 45 -1.92 -1.33 -19.95
CA PRO A 45 -1.82 -0.21 -19.01
C PRO A 45 -0.43 -0.05 -18.42
N ARG A 46 -0.16 1.16 -17.95
CA ARG A 46 1.03 1.50 -17.18
C ARG A 46 0.76 1.32 -15.69
N THR A 47 1.85 1.17 -14.93
CA THR A 47 1.80 1.17 -13.47
C THR A 47 2.26 2.55 -13.00
N LEU A 48 1.32 3.37 -12.55
CA LEU A 48 1.63 4.74 -12.18
C LEU A 48 2.23 4.82 -10.78
N ILE A 49 1.45 4.44 -9.76
CA ILE A 49 1.84 4.63 -8.37
C ILE A 49 1.57 3.35 -7.61
N TYR A 50 2.42 3.07 -6.63
CA TYR A 50 2.28 1.90 -5.76
C TYR A 50 2.77 2.26 -4.37
N GLY A 51 1.90 2.15 -3.38
CA GLY A 51 2.28 2.46 -2.01
C GLY A 51 1.94 3.88 -1.63
N ASP A 52 0.81 4.38 -2.12
CA ASP A 52 0.29 5.71 -1.81
C ASP A 52 1.05 6.82 -2.53
N THR A 53 2.32 6.61 -2.89
CA THR A 53 3.09 7.71 -3.46
C THR A 53 4.35 7.29 -4.22
N SER A 54 4.72 6.01 -4.17
CA SER A 54 5.99 5.59 -4.76
C SER A 54 5.83 5.35 -6.26
N ARG A 55 6.71 5.97 -7.04
CA ARG A 55 6.69 5.84 -8.49
C ARG A 55 7.31 4.52 -8.92
N ALA A 56 6.70 3.89 -9.93
CA ALA A 56 7.19 2.63 -10.45
C ALA A 56 8.43 2.86 -11.32
N SER A 57 9.16 1.79 -11.56
CA SER A 57 10.40 1.87 -12.33
C SER A 57 10.12 2.41 -13.73
N GLY A 58 10.82 3.49 -14.09
CA GLY A 58 10.65 4.10 -15.39
C GLY A 58 9.55 5.13 -15.48
N VAL A 59 8.90 5.46 -14.36
CA VAL A 59 7.79 6.40 -14.35
C VAL A 59 8.33 7.83 -14.35
N PRO A 60 7.72 8.76 -15.09
CA PRO A 60 8.13 10.16 -14.98
C PRO A 60 7.60 10.81 -13.71
N ASP A 61 8.32 11.82 -13.25
CA ASP A 61 7.98 12.50 -12.00
C ASP A 61 6.90 13.56 -12.15
N ARG A 62 6.33 13.71 -13.35
CA ARG A 62 5.16 14.58 -13.49
C ARG A 62 4.05 14.19 -12.52
N PHE A 63 4.02 12.92 -12.12
CA PHE A 63 2.95 12.37 -11.30
C PHE A 63 3.37 12.28 -9.84
N SER A 64 2.37 12.25 -8.96
CA SER A 64 2.62 11.87 -7.57
C SER A 64 1.30 11.51 -6.90
N GLY A 65 1.40 10.60 -5.93
CA GLY A 65 0.23 10.20 -5.18
C GLY A 65 0.06 11.01 -3.90
N SER A 66 -1.12 10.85 -3.30
CA SER A 66 -1.44 11.49 -2.03
C SER A 66 -2.58 10.70 -1.41
N ARG A 67 -2.71 10.80 -0.09
CA ARG A 67 -3.81 10.13 0.58
C ARG A 67 -4.16 10.86 1.86
N SER A 68 -5.47 10.88 2.17
CA SER A 68 -5.97 11.32 3.46
C SER A 68 -7.06 10.35 3.87
N GLY A 69 -6.84 9.64 4.98
CA GLY A 69 -7.80 8.68 5.46
C GLY A 69 -8.28 7.72 4.39
N ASN A 70 -9.56 7.79 4.05
CA ASN A 70 -10.19 6.86 3.13
C ASN A 70 -10.26 7.39 1.70
N THR A 71 -9.53 8.45 1.36
CA THR A 71 -9.53 8.97 0.01
C THR A 71 -8.11 9.19 -0.48
N ALA A 72 -7.81 8.64 -1.65
CA ALA A 72 -6.53 8.83 -2.31
C ALA A 72 -6.68 9.85 -3.44
N THR A 73 -5.56 10.47 -3.79
CA THR A 73 -5.53 11.49 -4.84
C THR A 73 -4.34 11.23 -5.76
N LEU A 74 -4.60 11.31 -7.06
CA LEU A 74 -3.55 11.26 -8.08
C LEU A 74 -3.34 12.67 -8.60
N THR A 75 -2.09 13.15 -8.58
CA THR A 75 -1.77 14.54 -8.86
C THR A 75 -0.81 14.61 -10.03
N ILE A 76 -1.11 15.46 -11.01
CA ILE A 76 -0.21 15.71 -12.13
C ILE A 76 -0.23 17.19 -12.47
N SER A 77 0.90 17.69 -12.95
CA SER A 77 0.97 19.00 -13.58
C SER A 77 1.82 18.87 -14.83
N SER A 78 1.87 19.95 -15.61
CA SER A 78 2.55 19.94 -16.90
C SER A 78 1.92 18.91 -17.82
N LEU A 79 0.59 18.96 -17.94
CA LEU A 79 -0.15 17.97 -18.72
C LEU A 79 0.39 17.89 -20.14
N GLN A 80 0.59 16.65 -20.60
CA GLN A 80 0.99 16.36 -21.97
C GLN A 80 -0.18 15.78 -22.75
N ALA A 81 -0.05 15.77 -24.07
CA ALA A 81 -1.07 15.14 -24.90
C ALA A 81 -1.04 13.62 -24.72
N GLU A 82 0.14 13.05 -24.54
CA GLU A 82 0.26 11.62 -24.31
C GLU A 82 -0.34 11.18 -22.98
N ASP A 83 -0.74 12.12 -22.13
CA ASP A 83 -1.32 11.80 -20.83
C ASP A 83 -2.84 11.64 -20.89
N GLU A 84 -3.46 11.88 -22.04
CA GLU A 84 -4.88 11.60 -22.19
C GLU A 84 -5.10 10.08 -22.11
N ALA A 85 -5.96 9.66 -21.18
CA ALA A 85 -6.14 8.25 -20.91
C ALA A 85 -7.18 8.04 -19.83
N ASP A 86 -7.48 6.78 -19.51
CA ASP A 86 -8.25 6.46 -18.32
C ASP A 86 -7.30 6.20 -17.16
N TYR A 87 -7.79 6.41 -15.95
CA TYR A 87 -6.95 6.25 -14.77
C TYR A 87 -7.72 5.50 -13.70
N PHE A 88 -7.09 4.48 -13.13
CA PHE A 88 -7.75 3.59 -12.19
C PHE A 88 -6.94 3.48 -10.90
N CYS A 89 -7.60 3.72 -9.78
CA CYS A 89 -7.04 3.44 -8.46
C CYS A 89 -7.40 2.02 -8.04
N ALA A 90 -6.68 1.51 -7.06
CA ALA A 90 -6.94 0.16 -6.58
C ALA A 90 -6.12 -0.10 -5.32
N SER A 91 -6.59 -1.04 -4.52
CA SER A 91 -5.80 -1.52 -3.39
C SER A 91 -6.42 -2.82 -2.88
N ALA A 92 -5.76 -3.43 -1.90
CA ALA A 92 -6.24 -4.66 -1.31
C ALA A 92 -7.35 -4.38 -0.31
N GLU A 93 -8.24 -5.35 -0.15
CA GLU A 93 -9.31 -5.28 0.85
C GLU A 93 -9.29 -6.57 1.66
N ASP A 94 -8.85 -6.49 2.91
CA ASP A 94 -8.91 -7.57 3.91
C ASP A 94 -8.00 -8.74 3.58
N SER A 95 -7.28 -8.71 2.47
CA SER A 95 -6.37 -9.80 2.13
C SER A 95 -5.41 -9.32 1.05
N SER A 96 -4.13 -9.67 1.19
CA SER A 96 -3.12 -9.25 0.23
C SER A 96 -3.37 -9.81 -1.18
N SER A 97 -4.28 -10.78 -1.33
CA SER A 97 -4.55 -11.41 -2.61
C SER A 97 -5.98 -11.13 -3.08
N ASN A 98 -6.55 -10.00 -2.66
CA ASN A 98 -7.87 -9.58 -3.13
C ASN A 98 -7.80 -8.08 -3.40
N ALA A 99 -7.58 -7.72 -4.67
CA ALA A 99 -7.45 -6.35 -5.09
C ALA A 99 -8.78 -5.84 -5.64
N VAL A 100 -9.05 -4.55 -5.40
CA VAL A 100 -10.24 -3.89 -5.92
C VAL A 100 -9.80 -2.62 -6.63
N PHE A 101 -10.40 -2.37 -7.79
CA PHE A 101 -10.18 -1.17 -8.59
C PHE A 101 -11.34 -0.20 -8.40
N GLY A 102 -11.17 1.01 -8.93
CA GLY A 102 -12.20 2.02 -8.93
C GLY A 102 -12.99 2.04 -10.23
N SER A 103 -14.00 2.92 -10.25
CA SER A 103 -14.89 3.02 -11.40
C SER A 103 -14.19 3.60 -12.64
N GLY A 104 -12.99 4.15 -12.49
CA GLY A 104 -12.28 4.70 -13.63
C GLY A 104 -12.66 6.12 -13.96
N THR A 105 -11.66 6.95 -14.28
CA THR A 105 -11.87 8.35 -14.61
C THR A 105 -11.15 8.66 -15.91
N THR A 106 -11.83 9.37 -16.81
CA THR A 106 -11.29 9.72 -18.11
C THR A 106 -10.73 11.13 -18.06
N LEU A 107 -9.54 11.32 -18.63
CA LEU A 107 -8.88 12.61 -18.65
C LEU A 107 -9.09 13.29 -20.00
N THR A 108 -9.43 14.57 -19.96
CA THR A 108 -9.49 15.42 -21.15
C THR A 108 -8.41 16.49 -21.01
N VAL A 109 -7.43 16.47 -21.91
CA VAL A 109 -6.34 17.44 -21.92
C VAL A 109 -6.75 18.57 -22.85
N LEU A 110 -7.32 19.62 -22.28
CA LEU A 110 -7.85 20.73 -23.06
C LEU A 110 -6.73 21.61 -23.59
N GLY A 111 -6.97 22.20 -24.76
CA GLY A 111 -6.06 23.16 -25.34
C GLY A 111 -5.19 22.66 -26.47
N GLN A 112 -5.43 21.45 -26.97
CA GLN A 112 -4.66 20.94 -28.09
C GLN A 112 -5.12 21.56 -29.40
N PRO A 113 -4.29 21.51 -30.44
CA PRO A 113 -4.72 22.03 -31.75
C PRO A 113 -5.94 21.30 -32.27
N LYS A 114 -6.97 22.07 -32.64
CA LYS A 114 -8.20 21.52 -33.19
C LYS A 114 -7.95 21.17 -34.66
N ALA A 115 -7.25 20.07 -34.88
CA ALA A 115 -6.88 19.66 -36.23
C ALA A 115 -8.13 19.27 -37.03
N ALA A 116 -8.17 19.71 -38.29
CA ALA A 116 -9.28 19.38 -39.16
C ALA A 116 -9.06 18.00 -39.78
N PRO A 117 -10.15 17.26 -40.03
CA PRO A 117 -10.01 15.87 -40.46
C PRO A 117 -9.46 15.75 -41.88
N SER A 118 -8.87 14.57 -42.15
CA SER A 118 -8.33 14.21 -43.46
C SER A 118 -9.07 12.96 -43.91
N VAL A 119 -9.86 13.09 -44.98
CA VAL A 119 -10.79 12.05 -45.41
C VAL A 119 -10.25 11.37 -46.66
N THR A 120 -10.39 10.04 -46.70
CA THR A 120 -10.08 9.22 -47.86
C THR A 120 -11.28 8.35 -48.15
N LEU A 121 -11.61 8.18 -49.43
CA LEU A 121 -12.81 7.44 -49.81
C LEU A 121 -12.46 6.43 -50.90
N PHE A 122 -12.84 5.17 -50.66
CA PHE A 122 -12.60 4.08 -51.59
C PHE A 122 -13.91 3.56 -52.13
N PRO A 123 -14.03 3.40 -53.45
CA PRO A 123 -15.18 2.72 -54.03
C PRO A 123 -15.17 1.24 -53.70
N PRO A 124 -16.26 0.52 -53.98
CA PRO A 124 -16.19 -0.93 -53.90
C PRO A 124 -15.18 -1.46 -54.90
N SER A 125 -14.34 -2.38 -54.45
CA SER A 125 -13.32 -2.95 -55.31
C SER A 125 -13.97 -3.84 -56.37
N SER A 126 -13.32 -3.91 -57.53
CA SER A 126 -13.82 -4.76 -58.60
C SER A 126 -14.03 -6.19 -58.13
N GLU A 127 -13.04 -6.75 -57.40
CA GLU A 127 -13.18 -8.10 -56.87
C GLU A 127 -14.40 -8.23 -55.97
N GLU A 128 -14.64 -7.23 -55.12
CA GLU A 128 -15.81 -7.27 -54.26
C GLU A 128 -17.07 -7.30 -55.09
N LEU A 129 -17.11 -6.52 -56.18
CA LEU A 129 -18.28 -6.56 -57.05
C LEU A 129 -18.41 -7.92 -57.71
N GLN A 130 -17.29 -8.57 -58.05
CA GLN A 130 -17.36 -9.94 -58.55
C GLN A 130 -18.02 -10.85 -57.53
N ALA A 131 -17.94 -10.49 -56.25
CA ALA A 131 -18.68 -11.21 -55.22
C ALA A 131 -20.12 -10.71 -55.07
N ASN A 132 -20.59 -9.83 -55.97
CA ASN A 132 -21.93 -9.25 -55.92
C ASN A 132 -22.20 -8.59 -54.56
N LYS A 133 -21.20 -7.88 -54.05
CA LYS A 133 -21.33 -7.06 -52.86
C LYS A 133 -20.65 -5.73 -53.11
N ALA A 134 -21.16 -4.68 -52.47
CA ALA A 134 -20.54 -3.36 -52.55
C ALA A 134 -20.36 -2.80 -51.15
N THR A 135 -19.18 -2.22 -50.89
CA THR A 135 -18.92 -1.56 -49.62
C THR A 135 -18.04 -0.35 -49.86
N LEU A 136 -18.62 0.84 -49.76
CA LEU A 136 -17.88 2.09 -49.82
C LEU A 136 -17.17 2.33 -48.49
N VAL A 137 -15.91 2.72 -48.56
CA VAL A 137 -15.06 2.82 -47.36
C VAL A 137 -14.62 4.28 -47.21
N CYS A 138 -15.06 4.93 -46.13
CA CYS A 138 -14.66 6.29 -45.81
C CYS A 138 -13.79 6.26 -44.55
N LEU A 139 -12.53 6.67 -44.69
CA LEU A 139 -11.57 6.65 -43.59
C LEU A 139 -11.19 8.08 -43.23
N ILE A 140 -11.02 8.35 -41.94
CA ILE A 140 -10.80 9.70 -41.44
C ILE A 140 -9.61 9.67 -40.49
N SER A 141 -8.63 10.54 -40.76
CA SER A 141 -7.40 10.60 -39.99
C SER A 141 -7.17 12.02 -39.48
N ASP A 142 -6.37 12.11 -38.41
CA ASP A 142 -5.78 13.38 -37.96
C ASP A 142 -6.85 14.45 -37.72
N PHE A 143 -7.62 14.25 -36.66
CA PHE A 143 -8.54 15.28 -36.20
C PHE A 143 -8.64 15.24 -34.68
N TYR A 144 -8.92 16.41 -34.09
CA TYR A 144 -9.09 16.59 -32.66
C TYR A 144 -10.05 17.75 -32.49
N PRO A 145 -11.03 17.66 -31.59
CA PRO A 145 -11.33 16.54 -30.67
C PRO A 145 -12.00 15.36 -31.36
N GLY A 146 -12.20 14.27 -30.62
CA GLY A 146 -12.90 13.12 -31.15
C GLY A 146 -14.40 13.33 -31.21
N ALA A 147 -14.82 14.40 -31.88
CA ALA A 147 -16.22 14.75 -32.04
C ALA A 147 -16.48 14.96 -33.52
N VAL A 148 -17.23 14.05 -34.14
CA VAL A 148 -17.38 14.03 -35.59
C VAL A 148 -18.70 13.35 -35.93
N THR A 149 -19.29 13.76 -37.05
CA THR A 149 -20.53 13.21 -37.55
C THR A 149 -20.38 12.96 -39.05
N VAL A 150 -20.90 11.83 -39.52
CA VAL A 150 -20.70 11.43 -40.92
C VAL A 150 -22.05 11.26 -41.59
N ALA A 151 -22.15 11.74 -42.83
CA ALA A 151 -23.32 11.55 -43.66
C ALA A 151 -22.90 11.06 -45.04
N TRP A 152 -23.80 10.35 -45.71
CA TRP A 152 -23.57 9.83 -47.05
C TRP A 152 -24.64 10.36 -47.99
N LYS A 153 -24.23 10.71 -49.21
CA LYS A 153 -25.15 11.25 -50.20
C LYS A 153 -25.03 10.48 -51.50
N ALA A 154 -26.15 9.98 -51.99
CA ALA A 154 -26.24 9.34 -53.30
C ALA A 154 -26.77 10.36 -54.30
N ASP A 155 -25.95 10.73 -55.28
CA ASP A 155 -26.32 11.72 -56.28
C ASP A 155 -26.83 12.99 -55.62
N SER A 156 -26.09 13.46 -54.61
CA SER A 156 -26.36 14.66 -53.83
C SER A 156 -27.55 14.53 -52.89
N SER A 157 -28.22 13.37 -52.85
CA SER A 157 -29.32 13.17 -51.92
C SER A 157 -28.87 12.35 -50.71
N PRO A 158 -29.41 12.64 -49.52
CA PRO A 158 -28.95 11.92 -48.32
C PRO A 158 -29.33 10.44 -48.38
N VAL A 159 -28.45 9.62 -47.80
CA VAL A 159 -28.62 8.17 -47.75
C VAL A 159 -28.72 7.75 -46.30
N LYS A 160 -29.75 6.95 -45.99
CA LYS A 160 -29.94 6.42 -44.64
C LYS A 160 -29.46 4.98 -44.53
N ALA A 161 -29.98 4.09 -45.37
CA ALA A 161 -29.74 2.66 -45.21
C ALA A 161 -28.32 2.28 -45.61
N GLY A 162 -27.76 1.31 -44.90
CA GLY A 162 -26.50 0.71 -45.27
C GLY A 162 -25.27 1.30 -44.62
N VAL A 163 -25.42 2.16 -43.61
CA VAL A 163 -24.31 2.92 -43.04
C VAL A 163 -23.99 2.37 -41.66
N GLU A 164 -22.71 2.06 -41.43
CA GLU A 164 -22.20 1.73 -40.11
C GLU A 164 -20.95 2.57 -39.86
N THR A 165 -20.86 3.18 -38.68
CA THR A 165 -19.78 4.11 -38.37
C THR A 165 -19.12 3.72 -37.05
N THR A 166 -17.79 3.72 -37.04
CA THR A 166 -17.03 3.47 -35.82
C THR A 166 -17.29 4.58 -34.81
N THR A 167 -16.70 4.43 -33.62
CA THR A 167 -16.47 5.54 -32.73
C THR A 167 -14.99 5.87 -32.72
N PRO A 168 -14.61 7.15 -32.69
CA PRO A 168 -13.19 7.50 -32.89
C PRO A 168 -12.22 6.76 -31.98
N SER A 169 -10.94 6.85 -32.28
CA SER A 169 -9.89 6.20 -31.50
C SER A 169 -8.61 7.01 -31.63
N LYS A 170 -7.72 6.81 -30.67
CA LYS A 170 -6.46 7.55 -30.67
C LYS A 170 -5.54 7.09 -31.78
N GLN A 171 -4.71 8.02 -32.26
CA GLN A 171 -3.59 7.72 -33.14
C GLN A 171 -2.30 7.78 -32.32
N SER A 172 -1.17 7.61 -33.00
CA SER A 172 0.12 7.68 -32.34
C SER A 172 0.38 9.07 -31.78
N ASN A 173 -0.16 10.11 -32.43
CA ASN A 173 0.11 11.50 -32.06
C ASN A 173 -1.01 12.10 -31.21
N ASN A 174 -1.83 11.27 -30.57
CA ASN A 174 -2.91 11.69 -29.69
C ASN A 174 -4.00 12.48 -30.42
N LYS A 175 -4.01 12.46 -31.75
CA LYS A 175 -5.17 12.88 -32.50
C LYS A 175 -6.08 11.66 -32.74
N TYR A 176 -7.23 11.88 -33.36
CA TYR A 176 -8.24 10.85 -33.49
C TYR A 176 -8.41 10.41 -34.94
N ALA A 177 -8.96 9.21 -35.10
CA ALA A 177 -9.19 8.61 -36.41
C ALA A 177 -10.42 7.71 -36.31
N ALA A 178 -11.12 7.56 -37.43
CA ALA A 178 -12.33 6.75 -37.44
C ALA A 178 -12.61 6.27 -38.86
N SER A 179 -13.66 5.48 -39.01
CA SER A 179 -14.03 4.93 -40.30
C SER A 179 -15.54 4.76 -40.38
N SER A 180 -16.03 4.67 -41.61
CA SER A 180 -17.45 4.54 -41.91
C SER A 180 -17.60 3.69 -43.16
N TYR A 181 -18.62 2.83 -43.18
CA TYR A 181 -18.83 1.90 -44.27
C TYR A 181 -20.26 2.02 -44.75
N LEU A 182 -20.42 2.15 -46.07
CA LEU A 182 -21.75 2.17 -46.70
C LEU A 182 -21.88 0.89 -47.52
N SER A 183 -22.69 -0.05 -47.02
CA SER A 183 -22.88 -1.33 -47.69
C SER A 183 -24.03 -1.24 -48.67
N LEU A 184 -23.77 -1.58 -49.93
CA LEU A 184 -24.74 -1.45 -51.01
C LEU A 184 -24.79 -2.74 -51.81
N THR A 185 -25.95 -2.96 -52.42
CA THR A 185 -26.11 -3.92 -53.51
C THR A 185 -25.52 -3.33 -54.79
N PRO A 186 -24.79 -4.11 -55.58
CA PRO A 186 -24.19 -3.56 -56.81
C PRO A 186 -25.22 -2.98 -57.77
N GLU A 187 -26.47 -3.44 -57.70
CA GLU A 187 -27.52 -2.85 -58.54
C GLU A 187 -27.88 -1.45 -58.10
N GLN A 188 -27.54 -1.05 -56.87
CA GLN A 188 -27.68 0.33 -56.42
C GLN A 188 -26.47 1.17 -56.81
N TRP A 189 -25.27 0.66 -56.54
CA TRP A 189 -24.06 1.40 -56.86
C TRP A 189 -23.96 1.69 -58.35
N LYS A 190 -24.19 0.68 -59.19
CA LYS A 190 -24.14 0.88 -60.63
C LYS A 190 -25.15 1.91 -61.11
N SER A 191 -26.21 2.15 -60.33
CA SER A 191 -27.32 2.98 -60.81
C SER A 191 -27.06 4.48 -60.61
N HIS A 192 -26.24 4.84 -59.62
CA HIS A 192 -26.05 6.24 -59.26
C HIS A 192 -24.75 6.79 -59.84
N ARG A 193 -24.65 8.12 -59.84
CA ARG A 193 -23.55 8.83 -60.45
C ARG A 193 -22.57 9.42 -59.44
N SER A 194 -23.02 9.71 -58.23
CA SER A 194 -22.16 10.25 -57.19
C SER A 194 -22.44 9.54 -55.87
N TYR A 195 -21.38 9.16 -55.17
CA TYR A 195 -21.48 8.69 -53.79
C TYR A 195 -20.50 9.52 -52.96
N SER A 196 -21.04 10.33 -52.05
CA SER A 196 -20.28 11.35 -51.35
C SER A 196 -20.27 11.05 -49.86
N CYS A 197 -19.09 11.14 -49.26
CA CYS A 197 -18.89 11.03 -47.82
C CYS A 197 -18.61 12.42 -47.27
N GLN A 198 -19.51 12.90 -46.41
CA GLN A 198 -19.41 14.23 -45.81
C GLN A 198 -19.13 14.08 -44.31
N VAL A 199 -18.19 14.87 -43.80
CA VAL A 199 -17.73 14.79 -42.42
C VAL A 199 -17.89 16.15 -41.77
N THR A 200 -18.58 16.17 -40.63
CA THR A 200 -18.78 17.34 -39.80
C THR A 200 -17.87 17.23 -38.59
N HIS A 201 -16.97 18.21 -38.43
CA HIS A 201 -16.04 18.25 -37.31
C HIS A 201 -16.07 19.65 -36.71
N GLU A 202 -16.67 19.79 -35.53
CA GLU A 202 -16.72 21.07 -34.82
C GLU A 202 -17.26 22.18 -35.72
N GLY A 203 -18.26 21.84 -36.52
CA GLY A 203 -18.92 22.80 -37.39
C GLY A 203 -18.32 22.91 -38.77
N SER A 204 -17.10 22.43 -38.98
CA SER A 204 -16.47 22.45 -40.29
C SER A 204 -16.88 21.21 -41.09
N THR A 205 -16.90 21.36 -42.41
CA THR A 205 -17.33 20.29 -43.31
C THR A 205 -16.20 19.93 -44.26
N VAL A 206 -15.88 18.64 -44.34
CA VAL A 206 -14.91 18.12 -45.30
C VAL A 206 -15.50 16.87 -45.93
N GLU A 207 -15.47 16.78 -47.25
CA GLU A 207 -16.10 15.66 -47.93
C GLU A 207 -15.26 15.20 -49.10
N LYS A 208 -15.53 13.96 -49.51
CA LYS A 208 -14.97 13.38 -50.73
C LYS A 208 -16.09 12.71 -51.49
N THR A 209 -15.85 12.40 -52.77
CA THR A 209 -16.87 11.80 -53.60
C THR A 209 -16.25 10.86 -54.61
N VAL A 210 -16.84 9.68 -54.75
CA VAL A 210 -16.45 8.71 -55.76
C VAL A 210 -17.61 8.50 -56.72
N ALA A 211 -17.31 7.92 -57.87
CA ALA A 211 -18.30 7.64 -58.90
C ALA A 211 -17.93 6.35 -59.61
N PRO A 212 -18.91 5.57 -60.07
CA PRO A 212 -18.59 4.33 -60.79
C PRO A 212 -18.02 4.59 -62.17
N THR A 213 -17.08 3.73 -62.56
CA THR A 213 -16.54 3.68 -63.91
C THR A 213 -16.58 2.24 -64.41
N GLU A 214 -16.06 2.03 -65.60
CA GLU A 214 -15.94 0.68 -66.16
C GLU A 214 -14.49 0.31 -66.40
N VAL B 2 12.09 -7.35 -20.00
CA VAL B 2 11.42 -8.60 -19.66
C VAL B 2 9.94 -8.47 -20.01
N GLN B 3 9.22 -9.58 -20.05
CA GLN B 3 7.87 -9.55 -20.60
C GLN B 3 7.08 -10.79 -20.20
N LEU B 4 5.77 -10.66 -20.34
CA LEU B 4 4.82 -11.76 -20.22
C LEU B 4 4.17 -12.03 -21.57
N ARG B 5 3.70 -13.26 -21.76
CA ARG B 5 3.07 -13.65 -23.02
C ARG B 5 1.83 -14.49 -22.69
N GLU B 6 0.67 -13.97 -23.07
CA GLU B 6 -0.59 -14.68 -22.88
C GLU B 6 -0.86 -15.62 -24.05
N SER B 7 -1.79 -16.55 -23.84
CA SER B 7 -2.21 -17.43 -24.92
C SER B 7 -3.50 -18.14 -24.50
N GLY B 8 -4.32 -18.48 -25.49
CA GLY B 8 -5.54 -19.21 -25.26
C GLY B 8 -6.58 -18.95 -26.33
N PRO B 9 -7.77 -19.53 -26.15
CA PRO B 9 -8.83 -19.36 -27.14
C PRO B 9 -9.22 -17.90 -27.30
N SER B 10 -9.61 -17.55 -28.53
CA SER B 10 -10.21 -16.25 -28.80
C SER B 10 -11.73 -16.30 -28.81
N LEU B 11 -12.32 -17.49 -28.88
CA LEU B 11 -13.77 -17.66 -28.79
C LEU B 11 -14.06 -18.85 -27.89
N VAL B 12 -15.19 -18.78 -27.17
CA VAL B 12 -15.65 -19.88 -26.35
C VAL B 12 -17.17 -19.84 -26.31
N LYS B 13 -17.79 -21.00 -26.38
CA LYS B 13 -19.24 -21.04 -26.37
C LYS B 13 -19.77 -20.84 -24.96
N PRO B 14 -20.94 -20.21 -24.81
CA PRO B 14 -21.49 -19.99 -23.47
C PRO B 14 -21.57 -21.27 -22.66
N SER B 15 -21.38 -21.12 -21.35
CA SER B 15 -21.50 -22.20 -20.37
C SER B 15 -20.32 -23.17 -20.41
N GLN B 16 -19.49 -23.11 -21.45
CA GLN B 16 -18.28 -23.91 -21.46
C GLN B 16 -17.31 -23.43 -20.38
N THR B 17 -16.21 -24.16 -20.24
CA THR B 17 -15.09 -23.71 -19.44
C THR B 17 -14.08 -23.01 -20.32
N LEU B 18 -13.55 -21.88 -19.84
CA LEU B 18 -12.52 -21.12 -20.53
C LEU B 18 -11.19 -21.37 -19.86
N SER B 19 -10.16 -21.64 -20.67
CA SER B 19 -8.83 -21.98 -20.20
C SER B 19 -7.82 -21.09 -20.91
N LEU B 20 -7.02 -20.35 -20.13
CA LEU B 20 -5.97 -19.49 -20.65
C LEU B 20 -4.65 -19.84 -19.97
N THR B 21 -3.55 -19.52 -20.64
CA THR B 21 -2.23 -19.78 -20.08
C THR B 21 -1.34 -18.57 -20.34
N CYS B 22 -0.25 -18.49 -19.58
CA CYS B 22 0.63 -17.34 -19.60
C CYS B 22 2.06 -17.80 -19.29
N THR B 23 3.01 -17.31 -20.08
CA THR B 23 4.42 -17.63 -19.91
C THR B 23 5.21 -16.36 -19.65
N ALA B 24 6.41 -16.55 -19.08
CA ALA B 24 7.30 -15.47 -18.69
C ALA B 24 8.56 -15.48 -19.55
N SER B 25 9.16 -14.31 -19.72
CA SER B 25 10.42 -14.17 -20.45
C SER B 25 11.26 -13.12 -19.75
N GLY B 26 12.48 -13.49 -19.33
CA GLY B 26 13.32 -12.62 -18.54
C GLY B 26 13.21 -12.85 -17.06
N PHE B 27 12.47 -13.87 -16.63
CA PHE B 27 12.15 -14.15 -15.23
C PHE B 27 11.18 -15.33 -15.26
N SER B 28 11.01 -15.98 -14.12
CA SER B 28 10.20 -17.19 -14.08
C SER B 28 9.51 -17.29 -12.73
N LEU B 29 8.93 -18.46 -12.47
CA LEU B 29 7.87 -18.63 -11.48
C LEU B 29 8.40 -19.08 -10.12
N SER B 30 9.43 -18.39 -9.64
CA SER B 30 9.76 -18.39 -8.22
C SER B 30 10.27 -17.04 -7.78
N ASP B 31 10.10 -16.00 -8.59
CA ASP B 31 10.62 -14.67 -8.34
C ASP B 31 9.54 -13.63 -8.09
N LYS B 32 8.36 -13.80 -8.69
CA LYS B 32 7.25 -12.86 -8.54
C LYS B 32 5.96 -13.66 -8.38
N ALA B 33 4.87 -12.95 -8.13
CA ALA B 33 3.53 -13.52 -8.09
C ALA B 33 2.79 -13.16 -9.38
N VAL B 34 1.87 -14.02 -9.77
CA VAL B 34 1.12 -13.87 -11.01
C VAL B 34 -0.33 -13.57 -10.68
N GLY B 35 -0.86 -12.51 -11.26
CA GLY B 35 -2.26 -12.16 -11.09
C GLY B 35 -3.00 -12.11 -12.41
N TRP B 36 -4.33 -12.22 -12.36
CA TRP B 36 -5.16 -12.17 -13.55
C TRP B 36 -6.19 -11.06 -13.39
N VAL B 37 -6.18 -10.12 -14.33
CA VAL B 37 -7.12 -9.01 -14.34
C VAL B 37 -7.97 -9.13 -15.59
N ARG B 38 -9.13 -8.47 -15.58
CA ARG B 38 -9.95 -8.47 -16.78
C ARG B 38 -10.69 -7.14 -16.89
N GLN B 39 -11.03 -6.77 -18.11
CA GLN B 39 -11.88 -5.61 -18.36
C GLN B 39 -12.85 -5.95 -19.47
N ALA B 40 -14.15 -5.87 -19.16
CA ALA B 40 -15.19 -5.86 -20.18
C ALA B 40 -15.38 -4.42 -20.65
N PRO B 41 -15.05 -4.08 -21.90
CA PRO B 41 -15.13 -2.68 -22.32
C PRO B 41 -16.45 -2.05 -21.90
N GLY B 42 -16.39 -0.75 -21.57
CA GLY B 42 -17.49 -0.06 -20.92
C GLY B 42 -17.57 -0.28 -19.43
N LYS B 43 -16.89 -1.29 -18.90
CA LYS B 43 -16.83 -1.58 -17.48
C LYS B 43 -15.42 -1.30 -16.95
N ALA B 44 -15.29 -1.34 -15.63
CA ALA B 44 -14.03 -1.07 -14.98
C ALA B 44 -13.17 -2.34 -14.97
N LEU B 45 -12.03 -2.28 -14.30
CA LEU B 45 -11.17 -3.45 -14.15
C LEU B 45 -11.64 -4.30 -12.98
N GLU B 46 -11.67 -5.62 -13.20
CA GLU B 46 -12.08 -6.57 -12.18
C GLU B 46 -10.91 -7.47 -11.83
N TRP B 47 -10.63 -7.60 -10.54
CA TRP B 47 -9.63 -8.55 -10.08
C TRP B 47 -10.21 -9.95 -10.06
N LEU B 48 -9.42 -10.92 -10.51
CA LEU B 48 -9.82 -12.32 -10.55
C LEU B 48 -9.13 -13.16 -9.51
N GLY B 49 -7.79 -13.13 -9.48
CA GLY B 49 -7.06 -13.89 -8.49
C GLY B 49 -5.60 -13.98 -8.87
N SER B 50 -4.81 -14.44 -7.90
CA SER B 50 -3.37 -14.54 -8.08
C SER B 50 -2.83 -15.75 -7.35
N ILE B 51 -1.64 -16.17 -7.79
CA ILE B 51 -0.88 -17.26 -7.22
C ILE B 51 0.55 -16.77 -7.06
N ASP B 52 1.10 -16.94 -5.85
CA ASP B 52 2.36 -16.31 -5.49
C ASP B 52 3.52 -17.28 -5.65
N THR B 53 4.72 -16.81 -5.28
CA THR B 53 5.91 -17.66 -5.38
C THR B 53 5.78 -18.90 -4.51
N GLY B 54 5.14 -18.76 -3.34
CA GLY B 54 4.93 -19.93 -2.50
C GLY B 54 4.08 -20.99 -3.17
N GLY B 55 3.02 -20.58 -3.86
CA GLY B 55 2.17 -21.48 -4.62
C GLY B 55 0.72 -21.51 -4.19
N ASN B 56 0.34 -20.81 -3.12
CA ASN B 56 -1.06 -20.73 -2.74
C ASN B 56 -1.76 -19.64 -3.54
N THR B 57 -3.09 -19.61 -3.44
CA THR B 57 -3.91 -18.78 -4.30
C THR B 57 -4.83 -17.89 -3.48
N GLY B 58 -5.11 -16.71 -4.04
CA GLY B 58 -6.17 -15.86 -3.54
C GLY B 58 -7.05 -15.43 -4.69
N TYR B 59 -8.33 -15.19 -4.38
CA TYR B 59 -9.32 -14.93 -5.42
C TYR B 59 -10.20 -13.74 -5.03
N ASN B 60 -11.01 -13.32 -5.99
CA ASN B 60 -12.01 -12.29 -5.76
C ASN B 60 -13.23 -12.93 -5.10
N PRO B 61 -13.60 -12.53 -3.87
CA PRO B 61 -14.70 -13.23 -3.18
C PRO B 61 -15.97 -13.38 -3.99
N GLY B 62 -16.44 -12.30 -4.61
CA GLY B 62 -17.70 -12.37 -5.35
C GLY B 62 -17.61 -13.12 -6.66
N LEU B 63 -16.41 -13.51 -7.09
CA LEU B 63 -16.21 -14.22 -8.34
C LEU B 63 -15.53 -15.57 -8.19
N LYS B 64 -15.07 -15.93 -6.99
CA LYS B 64 -14.33 -17.17 -6.82
C LYS B 64 -15.18 -18.42 -7.08
N SER B 65 -16.50 -18.28 -7.10
CA SER B 65 -17.38 -19.43 -7.28
C SER B 65 -17.24 -20.09 -8.65
N ARG B 66 -16.49 -19.48 -9.58
CA ARG B 66 -16.31 -20.04 -10.91
C ARG B 66 -14.84 -20.03 -11.34
N LEU B 67 -13.90 -19.92 -10.42
CA LEU B 67 -12.52 -19.62 -10.75
C LEU B 67 -11.59 -20.77 -10.37
N SER B 68 -10.44 -20.80 -11.05
CA SER B 68 -9.34 -21.65 -10.62
C SER B 68 -8.05 -21.17 -11.25
N ILE B 69 -6.98 -21.20 -10.46
CA ILE B 69 -5.64 -20.84 -10.89
C ILE B 69 -4.72 -22.03 -10.63
N THR B 70 -3.84 -22.33 -11.59
CA THR B 70 -2.88 -23.41 -11.45
C THR B 70 -1.54 -22.95 -12.02
N LYS B 71 -0.51 -23.74 -11.76
CA LYS B 71 0.86 -23.27 -11.99
C LYS B 71 1.74 -24.45 -12.36
N ASP B 72 2.76 -24.18 -13.17
CA ASP B 72 3.75 -25.18 -13.53
C ASP B 72 5.00 -24.43 -13.98
N ASN B 73 6.02 -24.37 -13.13
CA ASN B 73 7.16 -23.51 -13.35
C ASN B 73 8.33 -24.22 -14.03
N SER B 74 8.12 -25.45 -14.51
CA SER B 74 9.09 -26.06 -15.41
C SER B 74 8.89 -25.60 -16.85
N LYS B 75 7.68 -25.17 -17.20
CA LYS B 75 7.40 -24.49 -18.45
C LYS B 75 7.41 -22.98 -18.32
N SER B 76 7.52 -22.46 -17.09
CA SER B 76 7.31 -21.04 -16.81
C SER B 76 5.88 -20.64 -17.15
N GLN B 77 4.93 -21.44 -16.69
CA GLN B 77 3.53 -21.33 -17.09
C GLN B 77 2.63 -21.13 -15.87
N VAL B 78 1.63 -20.26 -16.02
CA VAL B 78 0.50 -20.18 -15.12
C VAL B 78 -0.77 -20.29 -15.94
N SER B 79 -1.72 -21.09 -15.47
CA SER B 79 -2.98 -21.34 -16.15
C SER B 79 -4.14 -20.78 -15.35
N LEU B 80 -5.01 -20.04 -16.02
CA LEU B 80 -6.25 -19.53 -15.45
C LEU B 80 -7.42 -20.27 -16.08
N SER B 81 -8.48 -20.46 -15.32
CA SER B 81 -9.63 -21.14 -15.90
C SER B 81 -10.89 -20.77 -15.14
N VAL B 82 -12.02 -20.85 -15.84
CA VAL B 82 -13.33 -20.49 -15.29
C VAL B 82 -14.38 -21.38 -15.93
N SER B 83 -15.45 -21.64 -15.19
CA SER B 83 -16.57 -22.43 -15.67
C SER B 83 -17.79 -21.54 -15.88
N SER B 84 -18.80 -22.11 -16.54
CA SER B 84 -20.08 -21.43 -16.75
C SER B 84 -19.89 -20.03 -17.31
N VAL B 85 -19.02 -19.92 -18.31
CA VAL B 85 -18.73 -18.62 -18.90
C VAL B 85 -19.98 -18.06 -19.56
N THR B 86 -20.23 -16.77 -19.36
CA THR B 86 -21.32 -16.05 -19.98
C THR B 86 -20.75 -14.87 -20.79
N THR B 87 -21.65 -14.10 -21.41
CA THR B 87 -21.20 -13.03 -22.29
C THR B 87 -20.87 -11.75 -21.53
N GLU B 88 -21.30 -11.62 -20.27
CA GLU B 88 -20.76 -10.57 -19.42
C GLU B 88 -19.24 -10.66 -19.35
N ASP B 89 -18.69 -11.86 -19.53
CA ASP B 89 -17.26 -12.10 -19.37
C ASP B 89 -16.46 -11.84 -20.65
N SER B 90 -17.12 -11.59 -21.77
CA SER B 90 -16.41 -11.14 -22.96
C SER B 90 -15.57 -9.93 -22.62
N ALA B 91 -14.25 -10.06 -22.73
CA ALA B 91 -13.38 -9.06 -22.12
C ALA B 91 -11.94 -9.30 -22.53
N THR B 92 -11.08 -8.37 -22.13
CA THR B 92 -9.64 -8.53 -22.24
C THR B 92 -9.10 -9.03 -20.91
N TYR B 93 -8.36 -10.13 -20.96
CA TYR B 93 -7.81 -10.81 -19.78
C TYR B 93 -6.30 -10.62 -19.75
N TYR B 94 -5.80 -10.02 -18.68
CA TYR B 94 -4.40 -9.61 -18.56
C TYR B 94 -3.67 -10.46 -17.54
N CYS B 95 -2.46 -10.88 -17.90
CA CYS B 95 -1.53 -11.58 -17.03
C CYS B 95 -0.58 -10.54 -16.44
N THR B 96 -0.44 -10.53 -15.10
CA THR B 96 0.17 -9.40 -14.42
C THR B 96 1.22 -9.84 -13.40
N THR B 97 2.29 -9.06 -13.32
CA THR B 97 3.32 -9.19 -12.29
C THR B 97 2.83 -8.50 -11.02
N VAL B 98 2.56 -9.26 -9.97
CA VAL B 98 1.98 -8.73 -8.73
C VAL B 98 3.07 -8.65 -7.66
N HIS B 99 2.99 -7.61 -6.84
CA HIS B 99 3.77 -7.48 -5.62
C HIS B 99 2.80 -7.36 -4.46
N GLN B 100 2.88 -8.29 -3.51
CA GLN B 100 1.90 -8.35 -2.43
C GLN B 100 2.54 -8.97 -1.20
N ARG B 101 2.14 -8.46 -0.03
CA ARG B 101 2.61 -8.99 1.25
C ARG B 101 1.75 -8.43 2.37
N THR B 102 1.38 -9.31 3.31
CA THR B 102 0.71 -8.89 4.53
C THR B 102 1.74 -8.43 5.56
N SER B 103 1.32 -7.50 6.42
CA SER B 103 2.24 -6.91 7.38
C SER B 103 1.48 -6.52 8.65
N GLU B 104 2.11 -6.77 9.80
CA GLU B 104 1.52 -6.51 11.10
C GLU B 104 2.01 -5.18 11.68
N LYS B 105 1.23 -4.66 12.63
CA LYS B 105 1.62 -3.51 13.43
C LYS B 105 1.39 -3.85 14.89
N ARG B 106 2.39 -3.61 15.73
CA ARG B 106 2.30 -3.90 17.17
C ARG B 106 1.97 -2.59 17.89
N SER B 107 0.70 -2.42 18.23
CA SER B 107 0.18 -1.22 18.87
C SER B 107 -0.22 -1.53 20.30
N CYS B 108 0.10 -0.59 21.23
CA CYS B 108 -0.37 -0.71 22.60
C CYS B 108 -1.55 0.22 22.83
N PRO B 109 -2.46 -0.10 23.75
CA PRO B 109 -3.53 0.85 24.09
C PRO B 109 -2.98 2.21 24.51
N GLY B 110 -3.87 3.19 24.72
CA GLY B 110 -3.40 4.53 25.00
C GLY B 110 -2.50 4.60 26.21
N GLY B 111 -2.91 3.96 27.30
CA GLY B 111 -2.15 4.03 28.54
C GLY B 111 -1.14 2.92 28.69
N SER B 112 -0.23 2.79 27.72
CA SER B 112 0.79 1.77 27.73
C SER B 112 1.76 2.06 26.60
N SER B 113 2.95 1.47 26.67
CA SER B 113 3.92 1.70 25.60
C SER B 113 4.81 0.48 25.39
N ARG B 114 5.49 0.48 24.24
CA ARG B 114 6.39 -0.60 23.83
C ARG B 114 7.74 -0.37 24.50
N ARG B 115 8.13 -1.25 25.42
CA ARG B 115 9.48 -1.10 25.97
C ARG B 115 9.97 -2.41 26.57
N TYR B 116 11.27 -2.41 26.85
CA TYR B 116 11.96 -3.39 27.66
C TYR B 116 11.86 -3.00 29.13
N PRO B 117 12.09 -3.93 30.04
CA PRO B 117 12.02 -3.59 31.47
C PRO B 117 12.84 -2.37 31.86
N SER B 118 13.92 -2.07 31.15
CA SER B 118 14.75 -0.91 31.45
C SER B 118 14.11 0.40 30.99
N GLY B 119 12.93 0.36 30.38
CA GLY B 119 12.24 1.54 29.94
C GLY B 119 12.53 1.96 28.51
N ALA B 120 13.59 1.44 27.91
CA ALA B 120 13.95 1.85 26.55
C ALA B 120 12.91 1.33 25.56
N SER B 121 12.65 2.15 24.53
CA SER B 121 11.70 1.75 23.50
C SER B 121 12.17 0.49 22.81
N CYS B 122 11.22 -0.25 22.24
CA CYS B 122 11.47 -1.61 21.79
C CYS B 122 11.18 -1.81 20.31
N ASP B 123 9.91 -1.97 19.95
CA ASP B 123 9.49 -2.14 18.55
C ASP B 123 9.80 -3.54 18.02
N VAL B 124 9.73 -4.56 18.88
CA VAL B 124 9.87 -5.94 18.44
C VAL B 124 8.67 -6.72 18.95
N SER B 125 8.84 -8.03 19.14
CA SER B 125 7.76 -8.87 19.66
C SER B 125 8.32 -10.11 20.34
N GLY B 126 9.43 -9.97 21.06
CA GLY B 126 10.02 -11.10 21.76
C GLY B 126 10.84 -10.73 22.98
N GLY B 127 12.10 -11.16 22.96
CA GLY B 127 13.03 -11.01 24.07
C GLY B 127 12.70 -10.01 25.16
N ALA B 128 11.68 -10.32 25.97
CA ALA B 128 11.33 -9.60 27.20
C ALA B 128 10.81 -8.20 26.97
N CYS B 129 10.52 -7.81 25.75
CA CYS B 129 9.89 -6.53 25.46
C CYS B 129 8.39 -6.71 25.32
N ALA B 130 7.63 -5.69 25.70
CA ALA B 130 6.18 -5.79 25.61
C ALA B 130 5.55 -4.43 25.86
N CYS B 131 4.21 -4.42 25.88
CA CYS B 131 3.44 -3.24 26.28
C CYS B 131 3.43 -3.19 27.80
N TYR B 132 4.05 -2.16 28.36
CA TYR B 132 4.05 -1.95 29.80
C TYR B 132 3.23 -0.73 30.17
N VAL B 133 2.89 -0.66 31.46
CA VAL B 133 1.86 0.23 31.99
C VAL B 133 2.47 1.52 32.50
N SER B 134 1.78 2.64 32.26
CA SER B 134 1.96 3.89 32.98
C SER B 134 3.41 4.26 33.23
N ASN B 135 3.68 4.88 34.38
CA ASN B 135 4.96 5.51 34.70
C ASN B 135 6.12 4.54 34.82
N CYS B 136 5.92 3.24 34.59
CA CYS B 136 6.81 2.24 35.17
C CYS B 136 8.02 1.92 34.31
N ARG B 137 9.10 1.52 35.00
CA ARG B 137 10.17 0.69 34.46
C ARG B 137 10.35 -0.46 35.44
N GLY B 138 10.39 -1.68 34.94
CA GLY B 138 10.55 -2.81 35.85
C GLY B 138 10.19 -4.12 35.18
N VAL B 139 10.65 -5.20 35.82
CA VAL B 139 10.56 -6.53 35.23
C VAL B 139 9.21 -7.17 35.49
N LEU B 140 8.65 -6.98 36.69
CA LEU B 140 7.36 -7.55 37.05
C LEU B 140 6.21 -6.57 36.85
N CYS B 141 6.49 -5.36 36.38
CA CYS B 141 5.45 -4.37 36.15
C CYS B 141 4.36 -4.96 35.24
N PRO B 142 3.11 -5.00 35.68
CA PRO B 142 2.07 -5.66 34.89
C PRO B 142 2.10 -5.25 33.43
N THR B 143 1.96 -6.24 32.56
CA THR B 143 1.78 -6.04 31.13
C THR B 143 0.29 -6.07 30.81
N LEU B 144 -0.04 -5.96 29.53
CA LEU B 144 -1.44 -5.98 29.11
C LEU B 144 -1.52 -6.35 27.64
N ASN B 145 -2.75 -6.64 27.20
CA ASN B 145 -2.97 -7.19 25.87
C ASN B 145 -2.53 -6.21 24.79
N GLU B 146 -1.72 -6.70 23.86
CA GLU B 146 -1.31 -5.90 22.71
C GLU B 146 -2.47 -5.77 21.73
N ILE B 147 -2.40 -4.72 20.91
CA ILE B 147 -3.36 -4.49 19.84
C ILE B 147 -2.60 -4.63 18.52
N VAL B 148 -3.08 -5.51 17.65
CA VAL B 148 -2.41 -5.85 16.40
C VAL B 148 -3.27 -5.34 15.24
N ALA B 149 -2.66 -4.54 14.37
CA ALA B 149 -3.29 -4.06 13.15
C ALA B 149 -2.62 -4.70 11.94
N TYR B 150 -3.42 -5.10 10.97
CA TYR B 150 -2.92 -5.66 9.71
C TYR B 150 -3.12 -4.66 8.58
N THR B 151 -2.06 -4.42 7.82
CA THR B 151 -2.15 -3.70 6.57
C THR B 151 -1.73 -4.63 5.44
N TYR B 152 -2.33 -4.41 4.26
CA TYR B 152 -2.12 -5.29 3.12
C TYR B 152 -1.54 -4.49 1.96
N GLU B 153 -0.35 -4.89 1.51
CA GLU B 153 0.27 -4.30 0.34
C GLU B 153 -0.21 -5.02 -0.91
N TRP B 154 -0.35 -4.26 -2.00
CA TRP B 154 -0.67 -4.87 -3.28
C TRP B 154 -0.46 -3.84 -4.39
N HIS B 155 0.17 -4.27 -5.47
CA HIS B 155 0.32 -3.46 -6.67
C HIS B 155 0.90 -4.30 -7.78
N VAL B 156 0.57 -3.95 -9.02
CA VAL B 156 1.04 -4.65 -10.21
C VAL B 156 2.21 -3.85 -10.78
N ASP B 157 3.39 -4.47 -10.82
CA ASP B 157 4.60 -3.79 -11.29
C ASP B 157 4.79 -3.89 -12.79
N ALA B 158 4.09 -4.80 -13.47
CA ALA B 158 4.20 -4.92 -14.91
C ALA B 158 2.99 -5.69 -15.44
N TRP B 159 2.63 -5.41 -16.69
CA TRP B 159 1.45 -5.98 -17.32
C TRP B 159 1.84 -6.78 -18.55
N GLY B 160 1.02 -7.78 -18.85
CA GLY B 160 1.05 -8.40 -20.16
C GLY B 160 0.41 -7.47 -21.18
N GLN B 161 0.18 -8.03 -22.37
CA GLN B 161 -0.41 -7.28 -23.47
C GLN B 161 -1.90 -7.54 -23.63
N GLY B 162 -2.48 -8.41 -22.81
CA GLY B 162 -3.91 -8.63 -22.83
C GLY B 162 -4.36 -9.63 -23.88
N LEU B 163 -5.33 -10.46 -23.53
CA LEU B 163 -5.86 -11.49 -24.42
C LEU B 163 -7.36 -11.25 -24.57
N LEU B 164 -7.81 -11.02 -25.79
CA LEU B 164 -9.20 -10.67 -26.04
C LEU B 164 -10.03 -11.94 -26.19
N VAL B 165 -11.13 -12.03 -25.43
CA VAL B 165 -12.00 -13.19 -25.44
C VAL B 165 -13.41 -12.71 -25.77
N THR B 166 -13.96 -13.23 -26.86
CA THR B 166 -15.36 -13.06 -27.23
C THR B 166 -16.12 -14.33 -26.88
N VAL B 167 -17.25 -14.17 -26.19
CA VAL B 167 -18.11 -15.28 -25.80
C VAL B 167 -19.36 -15.21 -26.66
N SER B 168 -19.51 -16.18 -27.57
CA SER B 168 -20.57 -16.10 -28.56
C SER B 168 -20.90 -17.48 -29.10
N SER B 169 -22.16 -17.65 -29.49
CA SER B 169 -22.63 -18.86 -30.15
C SER B 169 -22.66 -18.65 -31.66
N ALA B 170 -21.45 -18.54 -32.23
CA ALA B 170 -21.30 -18.34 -33.66
C ALA B 170 -19.96 -18.90 -34.11
N SER B 171 -19.85 -19.15 -35.41
CA SER B 171 -18.64 -19.75 -35.97
C SER B 171 -17.55 -18.70 -36.14
N THR B 172 -16.33 -19.17 -36.32
CA THR B 172 -15.18 -18.30 -36.57
C THR B 172 -15.04 -18.00 -38.06
N LYS B 173 -16.06 -17.32 -38.59
CA LYS B 173 -16.07 -16.98 -40.01
C LYS B 173 -14.82 -16.18 -40.36
N GLY B 174 -14.12 -16.61 -41.40
CA GLY B 174 -12.97 -15.89 -41.89
C GLY B 174 -13.38 -14.67 -42.67
N PRO B 175 -12.45 -13.73 -42.85
CA PRO B 175 -12.77 -12.51 -43.61
C PRO B 175 -12.59 -12.67 -45.11
N SER B 176 -13.42 -11.93 -45.84
CA SER B 176 -13.20 -11.71 -47.27
C SER B 176 -12.36 -10.45 -47.43
N VAL B 177 -11.16 -10.60 -47.99
CA VAL B 177 -10.19 -9.52 -48.06
C VAL B 177 -10.11 -9.03 -49.51
N PHE B 178 -10.34 -7.74 -49.71
CA PHE B 178 -10.33 -7.14 -51.04
C PHE B 178 -9.36 -5.97 -51.09
N PRO B 179 -8.68 -5.77 -52.22
CA PRO B 179 -7.78 -4.62 -52.33
C PRO B 179 -8.55 -3.34 -52.66
N LEU B 180 -8.00 -2.22 -52.19
CA LEU B 180 -8.54 -0.89 -52.42
C LEU B 180 -7.47 -0.10 -53.15
N ALA B 181 -7.58 -0.02 -54.46
CA ALA B 181 -6.63 0.67 -55.30
C ALA B 181 -6.85 2.18 -55.23
N PRO B 182 -5.82 2.99 -55.51
CA PRO B 182 -5.94 4.45 -55.45
C PRO B 182 -6.95 5.00 -56.47
N SER B 188 -2.11 16.83 -54.45
CA SER B 188 -1.42 18.02 -53.99
C SER B 188 -0.49 17.68 -52.82
N GLY B 189 0.57 16.93 -53.11
CA GLY B 189 1.50 16.51 -52.09
C GLY B 189 2.36 15.34 -52.52
N GLY B 190 1.97 14.65 -53.58
CA GLY B 190 2.75 13.56 -54.11
C GLY B 190 2.50 12.21 -53.48
N THR B 191 1.39 12.04 -52.78
CA THR B 191 1.08 10.80 -52.08
C THR B 191 -0.10 10.09 -52.73
N ALA B 192 -0.23 8.81 -52.40
CA ALA B 192 -1.30 7.96 -52.91
C ALA B 192 -1.72 7.01 -51.80
N ALA B 193 -2.93 6.47 -51.94
CA ALA B 193 -3.56 5.66 -50.91
C ALA B 193 -3.76 4.24 -51.42
N LEU B 194 -3.20 3.27 -50.71
CA LEU B 194 -3.48 1.86 -50.93
C LEU B 194 -4.31 1.35 -49.77
N GLY B 195 -5.05 0.27 -49.98
CA GLY B 195 -5.78 -0.26 -48.84
C GLY B 195 -6.18 -1.70 -48.99
N CYS B 196 -6.61 -2.27 -47.87
CA CYS B 196 -7.21 -3.60 -47.83
C CYS B 196 -8.46 -3.54 -46.96
N LEU B 197 -9.60 -3.89 -47.57
CA LEU B 197 -10.87 -4.03 -46.86
C LEU B 197 -11.02 -5.46 -46.37
N VAL B 198 -11.21 -5.61 -45.05
CA VAL B 198 -11.36 -6.91 -44.42
C VAL B 198 -12.81 -7.03 -43.96
N LYS B 199 -13.71 -7.45 -44.86
CA LYS B 199 -15.13 -7.41 -44.53
C LYS B 199 -15.54 -8.60 -43.69
N ASP B 200 -16.83 -8.94 -43.69
CA ASP B 200 -17.47 -9.68 -42.62
C ASP B 200 -16.61 -10.82 -42.09
N TYR B 201 -16.37 -10.80 -40.77
CA TYR B 201 -15.67 -11.88 -40.09
C TYR B 201 -16.13 -11.89 -38.63
N PHE B 202 -15.62 -12.86 -37.88
CA PHE B 202 -16.01 -13.01 -36.48
C PHE B 202 -15.07 -13.99 -35.78
N PRO B 203 -14.59 -13.70 -34.55
CA PRO B 203 -14.64 -12.42 -33.82
C PRO B 203 -13.36 -11.63 -34.02
N GLU B 204 -13.24 -10.47 -33.37
CA GLU B 204 -11.94 -9.82 -33.24
C GLU B 204 -10.99 -10.83 -32.61
N PRO B 205 -9.66 -10.72 -32.81
CA PRO B 205 -8.87 -9.70 -33.51
C PRO B 205 -8.55 -10.01 -34.97
N VAL B 206 -7.74 -9.14 -35.58
CA VAL B 206 -7.18 -9.36 -36.91
C VAL B 206 -5.80 -8.73 -36.94
N THR B 207 -4.85 -9.44 -37.56
CA THR B 207 -3.51 -8.90 -37.80
C THR B 207 -3.44 -8.39 -39.23
N VAL B 208 -2.89 -7.19 -39.41
CA VAL B 208 -2.67 -6.62 -40.74
C VAL B 208 -1.23 -6.15 -40.82
N SER B 209 -0.39 -6.90 -41.54
CA SER B 209 0.94 -6.45 -41.91
C SER B 209 0.95 -6.04 -43.37
N TRP B 210 1.99 -5.31 -43.77
CA TRP B 210 2.15 -4.90 -45.16
C TRP B 210 3.53 -5.31 -45.62
N ASN B 211 3.58 -6.09 -46.72
CA ASN B 211 4.79 -6.76 -47.17
C ASN B 211 5.46 -7.48 -46.00
N SER B 212 4.64 -8.21 -45.24
CA SER B 212 5.12 -9.02 -44.12
C SER B 212 5.93 -8.19 -43.13
N GLY B 213 5.48 -6.95 -42.89
CA GLY B 213 6.13 -6.07 -41.94
C GLY B 213 7.14 -5.12 -42.54
N ALA B 214 7.59 -5.37 -43.78
CA ALA B 214 8.53 -4.46 -44.43
C ALA B 214 8.00 -3.03 -44.41
N LEU B 215 6.70 -2.85 -44.60
CA LEU B 215 6.09 -1.53 -44.53
C LEU B 215 5.77 -1.18 -43.08
N THR B 216 6.21 0.00 -42.65
CA THR B 216 5.97 0.47 -41.29
C THR B 216 5.43 1.89 -41.31
N SER B 217 6.30 2.86 -41.57
CA SER B 217 5.87 4.24 -41.67
C SER B 217 4.83 4.41 -42.77
N GLY B 218 3.61 4.80 -42.39
CA GLY B 218 2.54 5.10 -43.32
C GLY B 218 1.32 4.20 -43.15
N VAL B 219 1.52 3.00 -42.62
CA VAL B 219 0.43 2.03 -42.50
C VAL B 219 -0.52 2.45 -41.39
N HIS B 220 -1.56 3.19 -41.73
CA HIS B 220 -2.62 3.53 -40.80
C HIS B 220 -3.66 2.41 -40.87
N THR B 221 -3.64 1.51 -39.90
CA THR B 221 -4.69 0.51 -39.75
C THR B 221 -5.80 1.09 -38.88
N PHE B 222 -7.03 0.75 -39.22
CA PHE B 222 -8.20 1.37 -38.61
C PHE B 222 -8.95 0.39 -37.72
N PRO B 223 -9.71 0.90 -36.75
CA PRO B 223 -10.54 0.02 -35.94
C PRO B 223 -11.71 -0.53 -36.76
N ALA B 224 -12.21 -1.68 -36.31
CA ALA B 224 -13.27 -2.37 -37.02
C ALA B 224 -14.63 -1.81 -36.61
N VAL B 225 -15.64 -2.14 -37.42
CA VAL B 225 -17.03 -1.85 -37.08
C VAL B 225 -17.73 -3.17 -36.78
N LEU B 226 -18.95 -3.07 -36.26
CA LEU B 226 -19.82 -4.22 -36.06
C LEU B 226 -21.02 -4.03 -36.98
N GLN B 227 -20.94 -4.60 -38.18
CA GLN B 227 -22.09 -4.63 -39.08
C GLN B 227 -23.31 -5.13 -38.32
N SER B 228 -24.48 -4.54 -38.63
CA SER B 228 -25.71 -4.98 -37.99
C SER B 228 -25.93 -6.48 -38.14
N SER B 229 -25.27 -7.11 -39.11
CA SER B 229 -25.39 -8.56 -39.28
C SER B 229 -24.82 -9.33 -38.09
N GLY B 230 -23.97 -8.70 -37.27
CA GLY B 230 -23.28 -9.38 -36.21
C GLY B 230 -21.84 -9.74 -36.52
N LEU B 231 -21.35 -9.40 -37.70
CA LEU B 231 -19.99 -9.71 -38.13
C LEU B 231 -19.16 -8.44 -38.20
N TYR B 232 -17.87 -8.57 -37.87
CA TYR B 232 -16.97 -7.43 -37.89
C TYR B 232 -16.44 -7.18 -39.31
N SER B 233 -15.81 -6.02 -39.48
CA SER B 233 -15.13 -5.67 -40.72
C SER B 233 -14.31 -4.41 -40.47
N LEU B 234 -13.14 -4.33 -41.10
CA LEU B 234 -12.25 -3.19 -40.91
C LEU B 234 -11.56 -2.84 -42.21
N SER B 235 -10.68 -1.85 -42.13
CA SER B 235 -9.86 -1.43 -43.26
C SER B 235 -8.44 -1.19 -42.76
N SER B 236 -7.48 -1.30 -43.68
CA SER B 236 -6.11 -0.90 -43.38
C SER B 236 -5.56 -0.16 -44.59
N VAL B 237 -5.17 1.10 -44.40
CA VAL B 237 -4.76 1.97 -45.50
C VAL B 237 -3.29 2.31 -45.33
N VAL B 238 -2.62 2.54 -46.45
CA VAL B 238 -1.20 2.88 -46.47
C VAL B 238 -1.03 4.14 -47.32
N THR B 239 -0.28 5.10 -46.80
CA THR B 239 0.15 6.28 -47.54
C THR B 239 1.49 5.97 -48.19
N VAL B 240 1.53 6.02 -49.52
CA VAL B 240 2.75 5.70 -50.27
C VAL B 240 3.07 6.88 -51.19
N PRO B 241 4.29 6.94 -51.72
CA PRO B 241 4.59 7.94 -52.73
C PRO B 241 4.00 7.55 -54.09
N SER B 242 3.45 8.56 -54.79
CA SER B 242 2.62 8.27 -55.96
C SER B 242 3.43 7.70 -57.12
N SER B 243 4.73 7.99 -57.18
CA SER B 243 5.54 7.54 -58.31
C SER B 243 6.06 6.12 -58.12
N SER B 244 6.03 5.59 -56.90
CA SER B 244 6.48 4.23 -56.66
C SER B 244 5.45 3.18 -57.06
N LEU B 245 4.26 3.60 -57.47
CA LEU B 245 3.23 2.65 -57.87
C LEU B 245 3.65 1.90 -59.14
N GLY B 246 3.26 0.63 -59.21
CA GLY B 246 3.72 -0.24 -60.27
C GLY B 246 5.16 -0.67 -60.08
N THR B 247 6.04 0.31 -59.86
CA THR B 247 7.42 0.02 -59.48
C THR B 247 7.48 -0.94 -58.30
N GLN B 248 6.82 -0.58 -57.20
CA GLN B 248 6.81 -1.37 -55.98
C GLN B 248 5.48 -2.09 -55.87
N THR B 249 5.51 -3.42 -55.91
CA THR B 249 4.30 -4.20 -55.68
C THR B 249 3.97 -4.19 -54.19
N TYR B 250 2.78 -3.70 -53.85
CA TYR B 250 2.33 -3.61 -52.47
C TYR B 250 1.34 -4.73 -52.19
N ILE B 251 1.60 -5.48 -51.13
CA ILE B 251 0.77 -6.61 -50.73
C ILE B 251 0.48 -6.50 -49.25
N CYS B 252 -0.79 -6.65 -48.89
CA CYS B 252 -1.19 -6.68 -47.49
C CYS B 252 -1.36 -8.14 -47.05
N ASN B 253 -0.82 -8.46 -45.88
CA ASN B 253 -0.88 -9.78 -45.28
C ASN B 253 -1.85 -9.72 -44.11
N VAL B 254 -3.03 -10.31 -44.27
CA VAL B 254 -4.07 -10.28 -43.25
C VAL B 254 -4.15 -11.67 -42.63
N ASN B 255 -4.00 -11.74 -41.31
CA ASN B 255 -4.00 -12.99 -40.56
C ASN B 255 -5.15 -12.95 -39.56
N HIS B 256 -6.19 -13.75 -39.83
CA HIS B 256 -7.25 -14.02 -38.87
C HIS B 256 -7.01 -15.45 -38.37
N LYS B 257 -6.58 -15.58 -37.12
CA LYS B 257 -6.14 -16.85 -36.58
C LYS B 257 -7.31 -17.70 -36.08
N PRO B 258 -8.34 -17.09 -35.48
CA PRO B 258 -9.49 -17.91 -35.04
C PRO B 258 -10.11 -18.72 -36.16
N SER B 259 -10.00 -18.28 -37.41
CA SER B 259 -10.44 -19.05 -38.56
C SER B 259 -9.29 -19.80 -39.23
N ASN B 260 -8.08 -19.67 -38.71
CA ASN B 260 -6.91 -20.35 -39.25
C ASN B 260 -6.66 -19.94 -40.71
N THR B 261 -6.88 -18.66 -41.01
CA THR B 261 -6.69 -18.17 -42.38
C THR B 261 -5.82 -16.93 -42.37
N LYS B 262 -4.65 -17.03 -42.99
CA LYS B 262 -3.85 -15.88 -43.37
C LYS B 262 -3.82 -15.81 -44.89
N VAL B 263 -4.14 -14.65 -45.43
CA VAL B 263 -4.21 -14.45 -46.87
C VAL B 263 -3.56 -13.11 -47.20
N ASP B 264 -2.94 -13.05 -48.38
CA ASP B 264 -2.27 -11.84 -48.82
C ASP B 264 -2.88 -11.40 -50.15
N LYS B 265 -2.95 -10.08 -50.34
CA LYS B 265 -3.47 -9.53 -51.58
C LYS B 265 -2.60 -8.40 -52.08
N LYS B 266 -2.34 -8.40 -53.38
CA LYS B 266 -1.81 -7.24 -54.06
C LYS B 266 -2.85 -6.12 -54.10
N VAL B 267 -2.38 -4.88 -53.98
CA VAL B 267 -3.22 -3.72 -54.29
C VAL B 267 -2.87 -3.34 -55.72
N GLU B 268 -3.52 -3.99 -56.68
CA GLU B 268 -3.13 -3.87 -58.07
C GLU B 268 -3.59 -2.54 -58.65
N PRO B 269 -2.78 -1.90 -59.53
CA PRO B 269 -3.09 -0.57 -60.06
C PRO B 269 -4.51 -0.44 -60.60
N ASN C 1 23.40 25.84 65.95
CA ASN C 1 21.94 25.79 66.09
C ASN C 1 21.48 24.33 66.19
N LEU C 2 20.21 24.08 65.89
CA LEU C 2 19.65 22.75 66.04
C LEU C 2 19.98 21.88 64.83
N CYS C 3 19.92 20.57 65.05
CA CYS C 3 20.17 19.62 63.96
C CYS C 3 18.98 19.62 63.00
N PRO C 4 19.21 19.36 61.72
CA PRO C 4 18.12 19.51 60.73
C PRO C 4 17.18 18.33 60.66
N PHE C 5 16.88 17.70 61.82
CA PHE C 5 15.90 16.62 61.81
C PHE C 5 14.66 16.98 61.01
N GLY C 6 14.27 18.25 61.01
CA GLY C 6 13.18 18.67 60.16
C GLY C 6 13.51 18.51 58.69
N GLU C 7 14.70 18.99 58.28
CA GLU C 7 15.09 18.91 56.88
C GLU C 7 15.02 17.47 56.36
N VAL C 8 15.19 16.49 57.25
CA VAL C 8 15.13 15.09 56.85
C VAL C 8 13.70 14.58 57.00
N PHE C 9 13.28 14.33 58.25
CA PHE C 9 11.97 13.71 58.49
C PHE C 9 10.85 14.44 57.77
N ASN C 10 10.85 15.77 57.81
CA ASN C 10 9.78 16.56 57.22
C ASN C 10 10.07 16.92 55.77
N ALA C 11 11.10 16.31 55.16
CA ALA C 11 11.38 16.54 53.75
C ALA C 11 10.18 16.25 52.87
N THR C 12 9.99 17.10 51.85
CA THR C 12 8.84 16.97 50.95
C THR C 12 8.95 15.79 50.00
N ARG C 13 10.06 15.06 49.99
CA ARG C 13 10.26 14.02 48.99
C ARG C 13 11.43 13.14 49.44
N PHE C 14 11.48 11.93 48.90
CA PHE C 14 12.44 10.93 49.33
C PHE C 14 13.06 10.29 48.10
N ALA C 15 14.09 9.47 48.35
CA ALA C 15 14.80 8.75 47.30
C ALA C 15 14.37 7.29 47.28
N SER C 16 14.52 6.68 46.12
CA SER C 16 14.29 5.25 45.99
C SER C 16 15.34 4.48 46.80
N VAL C 17 14.91 3.35 47.36
CA VAL C 17 15.71 2.70 48.39
C VAL C 17 17.04 2.20 47.83
N TYR C 18 17.10 1.88 46.55
CA TYR C 18 18.38 1.47 45.97
C TYR C 18 19.37 2.63 45.98
N ALA C 19 18.87 3.85 45.86
CA ALA C 19 19.71 5.04 45.88
C ALA C 19 19.41 5.87 47.12
N TRP C 20 19.44 5.21 48.28
CA TRP C 20 19.08 5.88 49.53
C TRP C 20 19.96 7.10 49.77
N ASN C 21 19.35 8.18 50.23
CA ASN C 21 20.06 9.44 50.46
C ASN C 21 20.70 9.44 51.84
N ARG C 22 21.90 9.99 51.92
CA ARG C 22 22.60 10.14 53.19
C ARG C 22 22.90 11.61 53.46
N LYS C 23 22.47 12.09 54.62
CA LYS C 23 22.73 13.45 55.08
C LYS C 23 23.67 13.38 56.28
N ARG C 24 24.72 14.20 56.27
CA ARG C 24 25.67 14.23 57.37
C ARG C 24 25.25 15.26 58.40
N ILE C 25 25.15 14.84 59.65
CA ILE C 25 24.78 15.69 60.77
C ILE C 25 26.01 15.87 61.65
N SER C 26 26.41 17.13 61.83
CA SER C 26 27.59 17.49 62.60
C SER C 26 27.41 18.91 63.12
N ASN C 27 28.01 19.19 64.29
CA ASN C 27 28.04 20.52 64.87
C ASN C 27 26.63 21.09 65.06
N CYS C 28 25.82 20.37 65.84
CA CYS C 28 24.46 20.81 66.12
C CYS C 28 23.98 20.14 67.41
N VAL C 29 22.78 20.52 67.83
CA VAL C 29 22.16 20.05 69.06
C VAL C 29 20.96 19.20 68.67
N ALA C 30 21.10 17.88 68.80
CA ALA C 30 20.03 16.94 68.45
C ALA C 30 18.96 16.98 69.53
N ASP C 31 17.84 17.63 69.24
CA ASP C 31 16.70 17.69 70.15
C ASP C 31 15.60 16.81 69.56
N TYR C 32 15.32 15.69 70.21
CA TYR C 32 14.40 14.69 69.71
C TYR C 32 12.96 14.92 70.13
N SER C 33 12.68 15.94 70.94
CA SER C 33 11.32 16.11 71.46
C SER C 33 10.29 16.14 70.33
N VAL C 34 10.65 16.68 69.17
CA VAL C 34 9.75 16.66 68.02
C VAL C 34 9.39 15.22 67.67
N LEU C 35 10.36 14.32 67.78
CA LEU C 35 10.14 12.93 67.39
C LEU C 35 9.44 12.16 68.50
N TYR C 36 9.84 12.39 69.76
CA TYR C 36 9.13 11.78 70.88
C TYR C 36 7.65 12.10 70.82
N ASN C 37 7.30 13.33 70.43
CA ASN C 37 5.92 13.77 70.41
C ASN C 37 5.20 13.41 69.11
N SER C 38 5.91 13.38 67.98
CA SER C 38 5.29 13.13 66.68
C SER C 38 4.85 11.67 66.61
N ALA C 39 3.66 11.41 67.17
CA ALA C 39 3.15 10.05 67.32
C ALA C 39 2.61 9.48 66.02
N SER C 40 2.78 10.17 64.89
CA SER C 40 2.40 9.62 63.60
C SER C 40 3.35 8.53 63.12
N PHE C 41 4.40 8.23 63.88
CA PHE C 41 5.40 7.26 63.44
C PHE C 41 4.92 5.85 63.70
N SER C 42 5.03 4.99 62.69
CA SER C 42 4.65 3.59 62.83
C SER C 42 5.78 2.76 63.45
N THR C 43 7.02 3.18 63.30
CA THR C 43 8.16 2.39 63.76
C THR C 43 9.23 3.31 64.33
N PHE C 44 9.74 2.96 65.51
CA PHE C 44 10.76 3.74 66.22
C PHE C 44 11.54 2.75 67.10
N LYS C 45 12.53 2.09 66.52
CA LYS C 45 13.36 1.14 67.23
C LYS C 45 14.80 1.61 67.27
N CYS C 46 15.42 1.60 68.45
CA CYS C 46 16.80 2.01 68.61
C CYS C 46 17.66 0.83 69.06
N TYR C 47 18.88 0.78 68.53
CA TYR C 47 19.81 -0.32 68.73
C TYR C 47 21.12 0.26 69.23
N GLY C 48 21.61 -0.27 70.35
CA GLY C 48 22.81 0.25 70.97
C GLY C 48 22.59 1.41 71.91
N VAL C 49 21.34 1.86 72.08
CA VAL C 49 21.00 2.94 73.00
C VAL C 49 19.58 2.73 73.47
N SER C 50 19.27 3.25 74.65
CA SER C 50 17.89 3.23 75.14
C SER C 50 17.08 4.28 74.39
N PRO C 51 15.94 3.91 73.79
CA PRO C 51 15.23 4.88 72.94
C PRO C 51 14.83 6.15 73.66
N THR C 52 14.64 6.10 74.98
CA THR C 52 14.21 7.28 75.73
C THR C 52 15.39 8.16 76.16
N LYS C 53 16.55 7.56 76.38
CA LYS C 53 17.72 8.25 76.94
C LYS C 53 18.57 8.88 75.84
N LEU C 54 17.95 9.64 74.94
CA LEU C 54 18.70 10.20 73.81
C LEU C 54 19.22 11.61 74.09
N ASN C 55 18.38 12.48 74.64
CA ASN C 55 18.74 13.89 74.79
C ASN C 55 19.89 14.12 75.76
N ASP C 56 20.42 13.09 76.41
CA ASP C 56 21.63 13.20 77.23
C ASP C 56 22.73 12.28 76.73
N LEU C 57 22.94 12.26 75.41
CA LEU C 57 23.96 11.42 74.80
C LEU C 57 24.67 12.20 73.70
N CYS C 58 26.00 12.21 73.74
CA CYS C 58 26.81 12.89 72.74
C CYS C 58 27.33 11.88 71.72
N PHE C 59 27.53 12.34 70.49
CA PHE C 59 28.09 11.53 69.43
C PHE C 59 28.98 12.39 68.56
N THR C 60 30.00 11.76 67.97
CA THR C 60 30.95 12.51 67.16
C THR C 60 30.38 12.86 65.80
N ASN C 61 29.60 11.98 65.20
CA ASN C 61 29.01 12.28 63.89
C ASN C 61 27.74 11.45 63.71
N VAL C 62 26.71 12.07 63.13
CA VAL C 62 25.47 11.35 62.90
C VAL C 62 25.18 11.31 61.41
N TYR C 63 24.58 10.22 60.95
CA TYR C 63 24.28 10.03 59.55
C TYR C 63 22.80 9.70 59.42
N ALA C 64 22.07 10.49 58.64
CA ALA C 64 20.63 10.31 58.45
C ALA C 64 20.40 9.76 57.06
N ASP C 65 20.06 8.47 56.97
CA ASP C 65 19.83 7.80 55.70
C ASP C 65 18.33 7.68 55.48
N SER C 66 17.84 8.33 54.42
CA SER C 66 16.42 8.40 54.13
C SER C 66 16.11 7.69 52.82
N PHE C 67 15.00 6.96 52.81
CA PHE C 67 14.52 6.31 51.59
C PHE C 67 13.06 5.89 51.76
N VAL C 68 12.51 5.26 50.72
CA VAL C 68 11.13 4.79 50.71
C VAL C 68 11.13 3.29 50.44
N ILE C 69 10.39 2.54 51.25
CA ILE C 69 10.16 1.12 51.00
C ILE C 69 8.66 0.86 51.14
N ARG C 70 8.27 -0.41 51.16
CA ARG C 70 6.90 -0.77 51.43
C ARG C 70 6.80 -1.38 52.83
N GLY C 71 5.58 -1.49 53.33
CA GLY C 71 5.35 -1.91 54.70
C GLY C 71 6.05 -3.20 55.08
N ASP C 72 5.80 -4.27 54.32
CA ASP C 72 6.33 -5.59 54.69
C ASP C 72 7.84 -5.58 54.85
N GLU C 73 8.54 -4.60 54.27
CA GLU C 73 9.98 -4.58 54.27
C GLU C 73 10.56 -3.69 55.36
N VAL C 74 9.73 -2.97 56.10
CA VAL C 74 10.22 -2.16 57.21
C VAL C 74 10.92 -3.06 58.23
N ARG C 75 10.40 -4.27 58.42
CA ARG C 75 11.05 -5.22 59.33
C ARG C 75 12.49 -5.47 58.94
N GLN C 76 12.82 -5.37 57.65
CA GLN C 76 14.15 -5.70 57.18
C GLN C 76 15.19 -4.65 57.55
N ILE C 77 14.76 -3.44 57.90
CA ILE C 77 15.71 -2.39 58.26
C ILE C 77 16.12 -2.58 59.71
N ALA C 78 16.97 -3.57 59.95
CA ALA C 78 17.44 -3.92 61.28
C ALA C 78 18.70 -4.75 61.14
N PRO C 79 19.54 -4.77 62.17
CA PRO C 79 20.75 -5.61 62.11
C PRO C 79 20.41 -7.07 61.90
N GLY C 80 21.20 -7.73 61.06
CA GLY C 80 21.07 -9.17 60.89
C GLY C 80 19.75 -9.63 60.29
N GLN C 81 19.19 -8.85 59.38
CA GLN C 81 17.97 -9.21 58.67
C GLN C 81 18.27 -9.50 57.21
N THR C 82 17.38 -10.27 56.59
CA THR C 82 17.57 -10.71 55.20
C THR C 82 16.29 -10.49 54.41
N GLY C 83 16.43 -10.49 53.10
CA GLY C 83 15.35 -10.18 52.18
C GLY C 83 15.84 -9.31 51.04
N LYS C 84 14.94 -8.89 50.15
CA LYS C 84 15.36 -8.08 49.01
C LYS C 84 16.04 -6.79 49.46
N ILE C 85 15.39 -6.04 50.35
CA ILE C 85 15.90 -4.72 50.71
C ILE C 85 17.18 -4.84 51.53
N ALA C 86 17.16 -5.69 52.56
CA ALA C 86 18.31 -5.80 53.43
C ALA C 86 19.54 -6.37 52.73
N ASP C 87 19.35 -7.11 51.63
CA ASP C 87 20.46 -7.76 50.94
C ASP C 87 20.93 -6.99 49.71
N TYR C 88 20.03 -6.40 48.92
CA TYR C 88 20.41 -5.76 47.67
C TYR C 88 20.23 -4.24 47.67
N ASN C 89 19.65 -3.64 48.70
CA ASN C 89 19.35 -2.21 48.67
C ASN C 89 19.97 -1.45 49.83
N TYR C 90 19.65 -1.82 51.08
CA TYR C 90 20.15 -1.10 52.25
C TYR C 90 20.38 -2.08 53.37
N LYS C 91 21.64 -2.33 53.71
CA LYS C 91 22.03 -3.31 54.71
C LYS C 91 22.52 -2.59 55.95
N LEU C 92 22.04 -3.03 57.12
CA LEU C 92 22.55 -2.51 58.38
C LEU C 92 23.51 -3.51 59.01
N PRO C 93 24.62 -3.05 59.58
CA PRO C 93 25.57 -3.98 60.21
C PRO C 93 25.01 -4.59 61.48
N ASP C 94 25.66 -5.67 61.92
CA ASP C 94 25.21 -6.37 63.12
C ASP C 94 25.52 -5.57 64.38
N ASP C 95 26.61 -4.80 64.38
CA ASP C 95 26.96 -3.93 65.49
C ASP C 95 26.35 -2.54 65.34
N PHE C 96 25.16 -2.45 64.75
CA PHE C 96 24.57 -1.15 64.46
C PHE C 96 24.29 -0.38 65.73
N THR C 97 24.65 0.90 65.72
CA THR C 97 24.38 1.83 66.81
C THR C 97 23.61 3.00 66.23
N GLY C 98 22.30 3.02 66.45
CA GLY C 98 21.47 4.06 65.89
C GLY C 98 20.01 3.68 65.97
N CYS C 99 19.18 4.53 65.38
CA CYS C 99 17.73 4.38 65.45
C CYS C 99 17.10 4.28 64.06
N VAL C 100 16.05 3.47 63.96
CA VAL C 100 15.29 3.26 62.74
C VAL C 100 13.90 3.83 62.99
N ILE C 101 13.51 4.83 62.19
CA ILE C 101 12.25 5.54 62.39
C ILE C 101 11.53 5.60 61.05
N ALA C 102 10.30 5.09 61.02
CA ALA C 102 9.57 4.94 59.77
C ALA C 102 8.10 5.29 59.98
N TRP C 103 7.49 5.88 58.96
CA TRP C 103 6.09 6.26 59.02
C TRP C 103 5.44 6.10 57.66
N ASN C 104 4.13 5.83 57.68
CA ASN C 104 3.37 5.67 56.45
C ASN C 104 3.32 6.97 55.65
N SER C 105 3.42 6.85 54.32
CA SER C 105 3.35 7.99 53.41
C SER C 105 2.38 7.69 52.27
N ASN C 106 1.22 7.12 52.61
CA ASN C 106 0.27 6.73 51.57
C ASN C 106 -0.31 7.94 50.86
N ASN C 107 -0.58 9.02 51.61
CA ASN C 107 -1.14 10.22 51.01
C ASN C 107 -0.17 10.91 50.06
N LEU C 108 1.13 10.68 50.21
CA LEU C 108 2.12 11.41 49.43
C LEU C 108 2.73 10.59 48.30
N ASP C 109 2.85 9.27 48.48
CA ASP C 109 3.62 8.43 47.57
C ASP C 109 2.76 7.40 46.83
N SER C 110 1.45 7.61 46.78
CA SER C 110 0.54 6.66 46.13
C SER C 110 -0.35 7.41 45.14
N LYS C 111 -0.08 7.22 43.86
CA LYS C 111 -0.96 7.68 42.79
C LYS C 111 -2.00 6.60 42.51
N VAL C 112 -3.24 7.01 42.27
CA VAL C 112 -4.28 6.04 41.95
C VAL C 112 -3.96 5.42 40.60
N GLY C 113 -4.05 4.10 40.53
CA GLY C 113 -3.50 3.35 39.42
C GLY C 113 -2.06 2.95 39.59
N GLY C 114 -1.42 3.34 40.69
CA GLY C 114 -0.05 2.94 40.98
C GLY C 114 0.96 4.06 40.77
N ASN C 115 1.72 4.38 41.81
CA ASN C 115 2.91 5.23 41.66
C ASN C 115 4.07 4.31 41.32
N TYR C 116 4.58 4.43 40.10
CA TYR C 116 5.64 3.57 39.58
C TYR C 116 6.95 4.34 39.50
N ASN C 117 7.26 5.11 40.54
CA ASN C 117 8.43 5.98 40.52
C ASN C 117 9.46 5.65 41.58
N TYR C 118 9.11 4.88 42.61
CA TYR C 118 10.08 4.42 43.58
C TYR C 118 10.58 3.05 43.18
N LEU C 119 11.90 2.86 43.20
CA LEU C 119 12.53 1.66 42.69
C LEU C 119 13.22 0.88 43.81
N TYR C 120 13.43 -0.40 43.54
CA TYR C 120 14.18 -1.28 44.43
C TYR C 120 14.92 -2.29 43.58
N ARG C 121 16.09 -2.70 44.06
CA ARG C 121 16.97 -3.57 43.29
C ARG C 121 16.48 -5.00 43.40
N LEU C 122 16.12 -5.60 42.25
CA LEU C 122 15.57 -6.95 42.21
C LEU C 122 16.65 -8.02 42.12
N PHE C 123 17.58 -7.86 41.18
CA PHE C 123 18.66 -8.82 40.97
C PHE C 123 20.01 -8.18 41.31
N ARG C 124 20.85 -8.95 41.99
CA ARG C 124 22.24 -8.55 42.21
C ARG C 124 23.08 -9.80 42.35
N LYS C 125 24.34 -9.69 41.91
CA LYS C 125 25.23 -10.84 41.86
C LYS C 125 25.78 -11.21 43.24
N SER C 126 25.74 -10.29 44.20
CA SER C 126 26.20 -10.60 45.55
C SER C 126 25.43 -9.72 46.53
N ASN C 127 25.46 -10.12 47.80
CA ASN C 127 24.79 -9.35 48.84
C ASN C 127 25.55 -8.06 49.14
N LEU C 128 24.81 -7.05 49.59
CA LEU C 128 25.39 -5.75 49.87
C LEU C 128 26.16 -5.79 51.19
N LYS C 129 27.32 -5.15 51.20
CA LYS C 129 28.05 -4.93 52.43
C LYS C 129 27.43 -3.76 53.19
N PRO C 130 27.61 -3.69 54.50
CA PRO C 130 26.93 -2.67 55.30
C PRO C 130 27.15 -1.26 54.76
N PHE C 131 26.07 -0.49 54.72
CA PHE C 131 26.10 0.92 54.31
C PHE C 131 26.66 1.09 52.90
N GLU C 132 26.50 0.09 52.05
CA GLU C 132 26.86 0.20 50.64
C GLU C 132 25.65 0.64 49.83
N ARG C 133 25.91 1.38 48.75
CA ARG C 133 24.87 1.86 47.86
C ARG C 133 25.18 1.38 46.44
N ASP C 134 24.30 0.56 45.89
CA ASP C 134 24.40 0.10 44.51
C ASP C 134 23.42 0.90 43.66
N ILE C 135 23.93 1.60 42.65
CA ILE C 135 23.12 2.40 41.74
C ILE C 135 23.26 1.93 40.30
N SER C 136 23.95 0.82 40.07
CA SER C 136 24.23 0.37 38.72
C SER C 136 22.96 -0.13 38.04
N THR C 137 22.85 0.13 36.74
CA THR C 137 21.86 -0.49 35.89
C THR C 137 22.46 -1.57 35.00
N GLU C 138 23.61 -2.11 35.39
CA GLU C 138 24.27 -3.17 34.63
C GLU C 138 23.31 -4.35 34.43
N ILE C 139 23.15 -4.76 33.18
CA ILE C 139 22.18 -5.82 32.85
C ILE C 139 22.58 -7.10 33.58
N TYR C 140 21.65 -7.62 34.38
CA TYR C 140 21.91 -8.82 35.16
C TYR C 140 21.70 -10.07 34.33
N GLN C 141 22.56 -11.07 34.54
CA GLN C 141 22.47 -12.35 33.84
C GLN C 141 21.68 -13.31 34.71
N ALA C 142 20.37 -13.43 34.42
CA ALA C 142 19.53 -14.33 35.18
C ALA C 142 19.65 -15.77 34.71
N GLY C 143 19.87 -15.98 33.41
CA GLY C 143 20.00 -17.30 32.84
C GLY C 143 21.44 -17.74 32.67
N SER C 144 21.61 -18.84 31.94
CA SER C 144 22.94 -19.34 31.60
C SER C 144 23.52 -18.62 30.38
N THR C 145 22.65 -18.09 29.51
CA THR C 145 23.12 -17.34 28.36
C THR C 145 23.73 -16.01 28.83
N PRO C 146 24.97 -15.71 28.45
CA PRO C 146 25.55 -14.42 28.84
C PRO C 146 24.86 -13.26 28.13
N CYS C 147 24.79 -12.13 28.82
CA CYS C 147 24.03 -10.98 28.33
C CYS C 147 24.87 -10.00 27.54
N ASN C 148 26.13 -9.79 27.95
CA ASN C 148 27.01 -8.83 27.28
C ASN C 148 26.33 -7.48 27.14
N GLY C 149 25.69 -7.04 28.22
CA GLY C 149 25.13 -5.70 28.29
C GLY C 149 23.94 -5.44 27.41
N VAL C 150 23.32 -6.47 26.83
CA VAL C 150 22.14 -6.32 25.99
C VAL C 150 20.97 -6.99 26.69
N GLU C 151 19.88 -6.25 26.87
CA GLU C 151 18.68 -6.80 27.49
C GLU C 151 18.00 -7.80 26.58
N GLY C 152 17.35 -8.78 27.17
CA GLY C 152 16.66 -9.79 26.40
C GLY C 152 16.04 -10.85 27.29
N PHE C 153 15.81 -12.02 26.71
CA PHE C 153 15.35 -13.16 27.48
C PHE C 153 16.44 -13.62 28.43
N ASN C 154 16.09 -13.86 29.69
CA ASN C 154 17.05 -14.21 30.74
C ASN C 154 18.14 -13.15 30.88
N CYS C 155 17.87 -11.92 30.44
CA CYS C 155 18.78 -10.80 30.59
C CYS C 155 17.93 -9.59 30.97
N TYR C 156 17.93 -9.24 32.25
CA TYR C 156 16.97 -8.32 32.81
C TYR C 156 17.62 -7.07 33.35
N PHE C 157 16.86 -5.98 33.31
CA PHE C 157 17.19 -4.74 34.02
C PHE C 157 17.14 -4.99 35.52
N PRO C 158 18.21 -4.72 36.27
CA PRO C 158 18.27 -5.21 37.66
C PRO C 158 17.34 -4.48 38.63
N LEU C 159 16.68 -3.41 38.23
CA LEU C 159 15.83 -2.63 39.12
C LEU C 159 14.35 -2.81 38.75
N GLN C 160 13.49 -2.56 39.73
CA GLN C 160 12.05 -2.72 39.51
C GLN C 160 11.29 -1.67 40.31
N SER C 161 10.15 -1.27 39.76
CA SER C 161 9.34 -0.21 40.33
C SER C 161 8.38 -0.75 41.38
N TYR C 162 8.24 -0.01 42.47
CA TYR C 162 7.20 -0.29 43.46
C TYR C 162 5.82 0.02 42.88
N GLY C 163 4.88 -0.89 43.09
CA GLY C 163 3.50 -0.66 42.70
C GLY C 163 2.70 -0.02 43.81
N PHE C 164 2.91 1.28 44.01
CA PHE C 164 2.33 2.00 45.16
C PHE C 164 0.96 2.56 44.75
N GLN C 165 -0.06 1.71 44.84
CA GLN C 165 -1.39 2.24 44.59
C GLN C 165 -2.11 2.46 45.92
N PRO C 166 -2.90 3.54 46.01
CA PRO C 166 -3.47 3.93 47.33
C PRO C 166 -4.35 2.87 47.98
N THR C 167 -5.19 2.18 47.21
CA THR C 167 -6.19 1.27 47.78
C THR C 167 -5.57 0.02 48.39
N ASN C 168 -4.26 -0.19 48.27
CA ASN C 168 -3.62 -1.36 48.85
C ASN C 168 -3.85 -1.40 50.36
N GLY C 169 -3.62 -2.58 50.93
CA GLY C 169 -3.51 -2.67 52.37
C GLY C 169 -2.29 -1.97 52.90
N VAL C 170 -2.29 -1.73 54.22
CA VAL C 170 -1.25 -0.91 54.83
C VAL C 170 0.13 -1.51 54.58
N GLY C 171 0.24 -2.84 54.65
CA GLY C 171 1.54 -3.47 54.51
C GLY C 171 2.17 -3.24 53.15
N TYR C 172 1.37 -2.97 52.13
CA TYR C 172 1.86 -2.69 50.79
C TYR C 172 1.86 -1.20 50.46
N GLN C 173 1.39 -0.34 51.39
CA GLN C 173 1.44 1.10 51.20
C GLN C 173 2.85 1.62 51.45
N PRO C 174 3.24 2.71 50.80
CA PRO C 174 4.62 3.19 50.93
C PRO C 174 4.91 3.72 52.32
N TYR C 175 6.13 3.45 52.78
CA TYR C 175 6.61 3.91 54.08
C TYR C 175 7.91 4.66 53.87
N ARG C 176 8.02 5.84 54.47
CA ARG C 176 9.25 6.63 54.46
C ARG C 176 10.06 6.25 55.69
N VAL C 177 11.35 6.02 55.49
CA VAL C 177 12.23 5.51 56.53
C VAL C 177 13.44 6.41 56.64
N VAL C 178 13.85 6.70 57.88
CA VAL C 178 15.07 7.40 58.20
C VAL C 178 15.83 6.59 59.24
N VAL C 179 17.09 6.29 58.94
CA VAL C 179 17.97 5.51 59.80
C VAL C 179 19.09 6.43 60.24
N LEU C 180 19.12 6.73 61.54
CA LEU C 180 20.17 7.55 62.13
C LEU C 180 21.25 6.63 62.65
N SER C 181 22.46 6.77 62.11
CA SER C 181 23.62 6.01 62.55
C SER C 181 24.53 6.96 63.33
N PHE C 182 24.84 6.58 64.58
CA PHE C 182 25.67 7.39 65.46
C PHE C 182 27.09 6.85 65.47
N GLU C 183 28.06 7.74 65.27
CA GLU C 183 29.47 7.38 65.26
C GLU C 183 30.14 8.09 66.44
N LEU C 184 30.61 7.28 67.40
CA LEU C 184 31.35 7.75 68.56
C LEU C 184 32.84 7.50 68.33
N LEU C 185 33.40 8.28 67.40
CA LEU C 185 34.79 8.12 67.01
C LEU C 185 35.72 8.69 68.08
N HIS C 186 37.00 8.35 67.97
CA HIS C 186 38.03 8.86 68.89
C HIS C 186 38.38 10.31 68.54
N ALA C 187 37.35 11.15 68.52
CA ALA C 187 37.49 12.56 68.17
C ALA C 187 36.57 13.39 69.06
N PRO C 188 36.66 14.72 69.01
CA PRO C 188 35.72 15.54 69.80
C PRO C 188 34.28 15.27 69.42
N ALA C 189 33.42 15.19 70.43
CA ALA C 189 31.99 15.04 70.19
C ALA C 189 31.41 16.36 69.74
N THR C 190 30.69 16.33 68.62
CA THR C 190 30.15 17.55 68.02
C THR C 190 28.63 17.57 68.01
N VAL C 191 27.98 16.48 68.38
CA VAL C 191 26.52 16.40 68.42
C VAL C 191 26.12 15.84 69.77
N CYS C 192 25.37 16.65 70.52
CA CYS C 192 24.89 16.29 71.85
C CYS C 192 23.43 16.66 71.92
N GLY C 193 22.74 16.10 72.92
CA GLY C 193 21.35 16.42 73.13
C GLY C 193 21.22 17.64 74.02
N PRO C 194 20.03 18.23 74.06
CA PRO C 194 19.83 19.42 74.90
C PRO C 194 20.20 19.17 76.34
N HIS C 195 20.19 17.91 76.77
CA HIS C 195 20.69 17.52 78.09
C HIS C 195 22.21 17.32 78.02
N HIS C 196 22.74 16.43 78.86
CA HIS C 196 24.19 16.21 78.94
C HIS C 196 24.89 17.45 79.48
C1 NAG D . 7.34 18.46 60.67
C2 NAG D . 7.67 18.49 62.16
C3 NAG D . 6.41 18.34 63.01
C4 NAG D . 5.31 19.29 62.54
C5 NAG D . 5.13 19.24 61.02
C6 NAG D . 4.19 20.30 60.51
C7 NAG D . 9.95 17.56 62.27
C8 NAG D . 10.78 16.40 62.72
N2 NAG D . 8.64 17.47 62.52
O3 NAG D . 6.74 18.64 64.37
O4 NAG D . 4.09 18.94 63.20
O5 NAG D . 6.39 19.46 60.38
O6 NAG D . 4.90 21.40 59.97
O7 NAG D . 10.44 18.54 61.71
H2 NAG D . 8.07 19.37 62.35
H3 NAG D . 6.09 17.42 62.93
H4 NAG D . 5.55 20.20 62.77
H5 NAG D . 4.80 18.36 60.77
H61 NAG D . 3.63 20.62 61.25
H62 NAG D . 3.62 19.91 59.82
H81 NAG D . 11.46 16.20 62.04
H82 NAG D . 10.21 15.62 62.85
H83 NAG D . 11.22 16.62 63.56
HN2 NAG D . 8.34 16.72 62.93
HO3 NAG D . 6.00 18.84 64.82
HO4 NAG D . 3.46 18.80 62.59
HO6 NAG D . 5.77 21.26 60.04
#